data_9MS5
#
_entry.id   9MS5
#
_cell.length_a   68.396
_cell.length_b   101.634
_cell.length_c   116.868
_cell.angle_alpha   90.00
_cell.angle_beta   90.00
_cell.angle_gamma   90.00
#
_symmetry.space_group_name_H-M   'P 21 21 21'
#
loop_
_entity.id
_entity.type
_entity.pdbx_description
1 polymer 'Peptidoglycan-binding domain-containing protein, expansin'
2 non-polymer 2-[BIS-(2-HYDROXY-ETHYL)-AMINO]-2-HYDROXYMETHYL-PROPANE-1,3-DIOL
3 non-polymer 1,2-ETHANEDIOL
4 water water
#
_entity_poly.entity_id   1
_entity_poly.type   'polypeptide(L)'
_entity_poly.pdbx_seq_one_letter_code
;ASVQPGVTYSGEGTFYGATGVGNCLYDATSDIAIAALNHTDYDNARMCGAFIRVKGPRGELTVRIVDRCPECRPGDVDLG
QQAFARIADPVAGRVPITWTLVSPDLAGPVSYRYKEGSTQWWCGIQVRNHRNPVATLEVRTGTTWRQLPRQEYNYFVSAD
GAGCGSDIRVKDIHGQTLTDTGIALTPNVDQPGRAQFTKRA
;
_entity_poly.pdbx_strand_id   A,B,C,D
#
loop_
_chem_comp.id
_chem_comp.type
_chem_comp.name
_chem_comp.formula
BTB non-polymer 2-[BIS-(2-HYDROXY-ETHYL)-AMINO]-2-HYDROXYMETHYL-PROPANE-1,3-DIOL 'C8 H19 N O5'
EDO non-polymer 1,2-ETHANEDIOL 'C2 H6 O2'
#
# COMPACT_ATOMS: atom_id res chain seq x y z
N ALA A 1 0.17 -11.35 -7.61
CA ALA A 1 -0.20 -12.39 -8.56
C ALA A 1 -0.34 -13.76 -7.88
N SER A 2 -1.08 -13.82 -6.78
CA SER A 2 -1.23 -15.08 -6.06
C SER A 2 -1.94 -16.13 -6.91
N VAL A 3 -3.08 -15.77 -7.49
CA VAL A 3 -3.93 -16.77 -8.15
C VAL A 3 -3.35 -17.13 -9.51
N GLN A 4 -3.09 -18.43 -9.72
CA GLN A 4 -2.49 -18.91 -10.95
C GLN A 4 -3.33 -20.03 -11.55
N PRO A 5 -3.38 -20.11 -12.88
CA PRO A 5 -4.10 -21.21 -13.52
C PRO A 5 -3.43 -22.55 -13.21
N GLY A 6 -4.25 -23.57 -13.08
CA GLY A 6 -3.77 -24.92 -12.80
C GLY A 6 -3.53 -25.22 -11.35
N VAL A 7 -3.79 -24.28 -10.45
CA VAL A 7 -3.56 -24.46 -9.02
C VAL A 7 -4.91 -24.49 -8.33
N THR A 8 -5.07 -25.40 -7.37
CA THR A 8 -6.25 -25.44 -6.52
C THR A 8 -5.91 -24.81 -5.18
N TYR A 9 -6.84 -24.02 -4.65
CA TYR A 9 -6.67 -23.28 -3.41
C TYR A 9 -7.72 -23.74 -2.40
N SER A 10 -7.35 -23.71 -1.13
CA SER A 10 -8.28 -24.00 -0.07
C SER A 10 -8.56 -22.73 0.74
N GLY A 11 -9.75 -22.67 1.30
CA GLY A 11 -10.11 -21.55 2.14
C GLY A 11 -11.48 -21.78 2.73
N GLU A 12 -12.13 -20.69 3.09
CA GLU A 12 -13.45 -20.74 3.68
C GLU A 12 -14.44 -19.99 2.80
N GLY A 13 -15.61 -20.59 2.63
CA GLY A 13 -16.71 -19.95 1.93
C GLY A 13 -17.70 -19.39 2.92
N THR A 14 -18.12 -18.15 2.67
CA THR A 14 -19.19 -17.48 3.39
C THR A 14 -20.15 -16.93 2.34
N PHE A 15 -21.18 -16.20 2.78
CA PHE A 15 -22.08 -15.58 1.81
C PHE A 15 -22.50 -14.18 2.23
N TYR A 16 -22.96 -13.41 1.24
CA TYR A 16 -23.46 -12.06 1.47
C TYR A 16 -24.56 -11.77 0.45
N GLY A 17 -25.23 -10.63 0.66
CA GLY A 17 -26.29 -10.20 -0.25
C GLY A 17 -25.78 -9.58 -1.54
N ALA A 18 -25.13 -10.40 -2.37
CA ALA A 18 -24.58 -9.92 -3.63
C ALA A 18 -25.68 -9.62 -4.63
N THR A 19 -25.57 -8.49 -5.31
CA THR A 19 -26.46 -8.13 -6.41
C THR A 19 -25.75 -8.05 -7.74
N GLY A 20 -24.42 -8.20 -7.77
CA GLY A 20 -23.63 -8.01 -8.97
C GLY A 20 -22.86 -6.71 -8.98
N VAL A 21 -23.30 -5.71 -8.22
CA VAL A 21 -22.52 -4.50 -8.06
C VAL A 21 -21.52 -4.71 -6.94
N GLY A 22 -20.40 -3.98 -7.02
CA GLY A 22 -19.33 -4.20 -6.08
C GLY A 22 -18.06 -3.54 -6.59
N ASN A 23 -16.94 -4.01 -6.04
CA ASN A 23 -15.65 -3.37 -6.26
C ASN A 23 -15.20 -3.48 -7.71
N CYS A 24 -15.73 -4.44 -8.47
CA CYS A 24 -15.37 -4.57 -9.88
C CYS A 24 -16.15 -3.61 -10.78
N LEU A 25 -17.11 -2.89 -10.23
CA LEU A 25 -17.89 -1.91 -11.00
CA LEU A 25 -17.90 -1.92 -10.99
C LEU A 25 -18.62 -2.55 -12.19
N TYR A 26 -19.12 -3.77 -11.99
CA TYR A 26 -20.01 -4.39 -12.96
C TYR A 26 -21.46 -4.01 -12.62
N ASP A 27 -22.40 -4.44 -13.46
CA ASP A 27 -23.79 -4.07 -13.29
C ASP A 27 -24.55 -5.11 -12.49
N ALA A 28 -25.65 -4.68 -11.87
CA ALA A 28 -26.53 -5.61 -11.17
C ALA A 28 -26.97 -6.72 -12.11
N THR A 29 -27.10 -7.93 -11.59
CA THR A 29 -27.40 -9.09 -12.40
C THR A 29 -28.36 -9.99 -11.66
N SER A 30 -29.21 -10.70 -12.42
CA SER A 30 -30.04 -11.76 -11.89
C SER A 30 -29.30 -13.09 -11.82
N ASP A 31 -28.05 -13.14 -12.27
CA ASP A 31 -27.32 -14.41 -12.30
C ASP A 31 -26.98 -14.85 -10.89
N ILE A 32 -27.13 -16.15 -10.65
CA ILE A 32 -26.83 -16.75 -9.36
C ILE A 32 -25.32 -16.78 -9.10
N ALA A 33 -24.54 -17.10 -10.12
CA ALA A 33 -23.17 -17.58 -9.91
C ALA A 33 -22.18 -16.41 -9.86
N ILE A 34 -22.26 -15.65 -8.77
CA ILE A 34 -21.38 -14.50 -8.56
C ILE A 34 -20.80 -14.56 -7.15
N ALA A 35 -19.64 -13.92 -6.97
CA ALA A 35 -18.98 -13.97 -5.67
C ALA A 35 -18.03 -12.79 -5.52
N ALA A 36 -17.68 -12.50 -4.27
CA ALA A 36 -16.59 -11.59 -3.93
C ALA A 36 -15.37 -12.41 -3.55
N LEU A 37 -14.20 -11.95 -3.99
CA LEU A 37 -12.95 -12.64 -3.68
C LEU A 37 -12.21 -11.88 -2.59
N ASN A 38 -11.55 -12.63 -1.70
CA ASN A 38 -10.78 -11.99 -0.62
C ASN A 38 -9.79 -10.99 -1.20
N HIS A 39 -9.49 -9.95 -0.42
CA HIS A 39 -8.65 -8.84 -0.86
C HIS A 39 -7.33 -9.29 -1.47
N THR A 40 -6.61 -10.20 -0.81
CA THR A 40 -5.29 -10.59 -1.30
C THR A 40 -5.38 -11.17 -2.70
N ASP A 41 -6.29 -12.12 -2.91
CA ASP A 41 -6.39 -12.78 -4.20
C ASP A 41 -7.04 -11.90 -5.25
N TYR A 42 -7.90 -10.97 -4.83
CA TYR A 42 -8.49 -9.99 -5.74
C TYR A 42 -7.42 -9.22 -6.49
N ASP A 43 -6.34 -8.84 -5.79
CA ASP A 43 -5.10 -8.43 -6.41
C ASP A 43 -5.29 -7.21 -7.32
N ASN A 44 -5.81 -6.13 -6.74
CA ASN A 44 -5.96 -4.87 -7.46
C ASN A 44 -6.76 -5.05 -8.74
N ALA A 45 -7.84 -5.83 -8.63
CA ALA A 45 -8.82 -6.09 -9.68
C ALA A 45 -8.32 -7.06 -10.74
N ARG A 46 -7.10 -7.61 -10.60
CA ARG A 46 -6.64 -8.58 -11.58
C ARG A 46 -7.60 -9.76 -11.69
N MET A 47 -8.26 -10.13 -10.61
CA MET A 47 -9.20 -11.23 -10.65
C MET A 47 -10.65 -10.79 -10.89
N CYS A 48 -10.89 -9.52 -11.18
CA CYS A 48 -12.25 -9.13 -11.56
C CYS A 48 -12.69 -9.87 -12.81
N GLY A 49 -13.88 -10.44 -12.76
CA GLY A 49 -14.40 -11.16 -13.90
C GLY A 49 -13.81 -12.54 -14.09
N ALA A 50 -12.93 -12.97 -13.20
CA ALA A 50 -12.43 -14.34 -13.26
C ALA A 50 -13.56 -15.31 -12.99
N PHE A 51 -13.49 -16.47 -13.64
CA PHE A 51 -14.37 -17.58 -13.35
C PHE A 51 -13.61 -18.60 -12.50
N ILE A 52 -14.15 -18.93 -11.33
CA ILE A 52 -13.56 -19.94 -10.47
C ILE A 52 -14.60 -21.00 -10.17
N ARG A 53 -14.17 -22.27 -10.22
CA ARG A 53 -15.02 -23.38 -9.85
C ARG A 53 -14.81 -23.67 -8.38
N VAL A 54 -15.87 -23.55 -7.58
CA VAL A 54 -15.81 -23.66 -6.13
C VAL A 54 -16.51 -24.95 -5.71
N LYS A 55 -15.83 -25.73 -4.86
CA LYS A 55 -16.40 -26.96 -4.32
C LYS A 55 -16.66 -26.79 -2.83
N GLY A 56 -17.88 -27.11 -2.41
CA GLY A 56 -18.24 -27.21 -1.01
C GLY A 56 -18.85 -28.56 -0.72
N PRO A 57 -19.36 -28.75 0.49
CA PRO A 57 -19.91 -30.07 0.88
C PRO A 57 -21.05 -30.57 0.00
N ARG A 58 -21.84 -29.67 -0.60
CA ARG A 58 -22.99 -30.07 -1.41
C ARG A 58 -22.68 -30.22 -2.88
N GLY A 59 -21.50 -29.81 -3.33
CA GLY A 59 -21.17 -29.91 -4.74
C GLY A 59 -20.37 -28.71 -5.18
N GLU A 60 -20.37 -28.49 -6.50
CA GLU A 60 -19.50 -27.51 -7.15
C GLU A 60 -20.32 -26.53 -7.98
N LEU A 61 -19.79 -25.32 -8.12
CA LEU A 61 -20.42 -24.29 -8.93
C LEU A 61 -19.34 -23.35 -9.45
N THR A 62 -19.39 -23.03 -10.74
CA THR A 62 -18.50 -22.02 -11.30
C THR A 62 -19.13 -20.64 -11.13
N VAL A 63 -18.41 -19.74 -10.46
CA VAL A 63 -18.89 -18.39 -10.19
C VAL A 63 -17.94 -17.40 -10.84
N ARG A 64 -18.46 -16.20 -11.10
CA ARG A 64 -17.61 -15.11 -11.57
C ARG A 64 -17.39 -14.09 -10.46
N ILE A 65 -16.17 -13.56 -10.39
CA ILE A 65 -15.81 -12.59 -9.36
C ILE A 65 -16.31 -11.21 -9.76
N VAL A 66 -17.11 -10.59 -8.89
CA VAL A 66 -17.69 -9.27 -9.12
C VAL A 66 -17.35 -8.28 -8.03
N ASP A 67 -16.63 -8.68 -6.99
CA ASP A 67 -16.52 -7.85 -5.81
C ASP A 67 -15.32 -8.33 -5.00
N ARG A 68 -14.97 -7.55 -3.98
CA ARG A 68 -13.82 -7.78 -3.13
C ARG A 68 -14.31 -7.88 -1.68
N CYS A 69 -13.75 -8.83 -0.93
CA CYS A 69 -14.07 -8.97 0.49
C CYS A 69 -12.86 -8.58 1.33
N PRO A 70 -12.88 -7.43 2.02
CA PRO A 70 -11.67 -6.97 2.73
C PRO A 70 -11.32 -7.81 3.95
N GLU A 71 -12.30 -8.39 4.63
CA GLU A 71 -11.99 -9.13 5.86
C GLU A 71 -11.67 -10.59 5.60
N CYS A 72 -11.92 -11.08 4.39
CA CYS A 72 -11.65 -12.47 4.06
C CYS A 72 -10.15 -12.69 3.88
N ARG A 73 -9.68 -13.89 4.27
CA ARG A 73 -8.27 -14.27 4.21
C ARG A 73 -7.93 -14.84 2.84
N PRO A 74 -6.64 -14.97 2.51
CA PRO A 74 -6.26 -15.66 1.27
C PRO A 74 -6.93 -17.02 1.17
N GLY A 75 -7.44 -17.33 -0.03
CA GLY A 75 -8.19 -18.54 -0.28
C GLY A 75 -9.67 -18.43 -0.04
N ASP A 76 -10.14 -17.39 0.66
CA ASP A 76 -11.55 -17.30 1.02
C ASP A 76 -12.39 -16.70 -0.10
N VAL A 77 -13.63 -17.16 -0.19
CA VAL A 77 -14.59 -16.65 -1.17
C VAL A 77 -15.89 -16.32 -0.45
N ASP A 78 -16.43 -15.12 -0.71
CA ASP A 78 -17.70 -14.66 -0.13
C ASP A 78 -18.73 -14.75 -1.26
N LEU A 79 -19.42 -15.88 -1.34
CA LEU A 79 -20.34 -16.11 -2.44
C LEU A 79 -21.64 -15.33 -2.27
N GLY A 80 -22.32 -15.06 -3.38
CA GLY A 80 -23.70 -14.62 -3.29
C GLY A 80 -24.54 -15.66 -2.57
N GLN A 81 -25.61 -15.20 -1.91
CA GLN A 81 -26.39 -16.07 -1.05
C GLN A 81 -26.92 -17.28 -1.82
N GLN A 82 -27.44 -17.07 -3.02
CA GLN A 82 -27.98 -18.17 -3.81
C GLN A 82 -26.88 -19.10 -4.30
N ALA A 83 -25.72 -18.54 -4.66
CA ALA A 83 -24.60 -19.37 -5.06
C ALA A 83 -24.14 -20.27 -3.92
N PHE A 84 -24.07 -19.72 -2.71
CA PHE A 84 -23.61 -20.48 -1.55
C PHE A 84 -24.45 -21.73 -1.35
N ALA A 85 -25.77 -21.62 -1.53
CA ALA A 85 -26.66 -22.74 -1.27
C ALA A 85 -26.45 -23.88 -2.25
N ARG A 86 -25.83 -23.62 -3.40
CA ARG A 86 -25.49 -24.69 -4.34
C ARG A 86 -24.33 -25.54 -3.85
N ILE A 87 -23.46 -25.01 -2.99
CA ILE A 87 -22.28 -25.74 -2.54
C ILE A 87 -22.30 -26.08 -1.06
N ALA A 88 -23.21 -25.52 -0.27
CA ALA A 88 -23.17 -25.74 1.17
C ALA A 88 -24.52 -25.39 1.77
N ASP A 89 -24.72 -25.85 3.00
CA ASP A 89 -25.94 -25.56 3.74
C ASP A 89 -25.86 -24.14 4.30
N PRO A 90 -26.76 -23.23 3.90
CA PRO A 90 -26.66 -21.84 4.38
C PRO A 90 -26.66 -21.70 5.90
N VAL A 91 -27.29 -22.63 6.61
CA VAL A 91 -27.32 -22.56 8.07
C VAL A 91 -25.92 -22.70 8.64
N ALA A 92 -25.01 -23.36 7.93
CA ALA A 92 -23.64 -23.50 8.40
C ALA A 92 -22.90 -22.17 8.44
N GLY A 93 -23.21 -21.26 7.51
CA GLY A 93 -22.65 -19.92 7.50
C GLY A 93 -21.23 -19.79 6.95
N ARG A 94 -20.37 -20.72 7.36
CA ARG A 94 -18.96 -20.71 6.98
C ARG A 94 -18.50 -22.15 6.84
N VAL A 95 -18.00 -22.50 5.66
CA VAL A 95 -17.67 -23.89 5.32
C VAL A 95 -16.32 -23.94 4.64
N PRO A 96 -15.63 -25.07 4.73
CA PRO A 96 -14.42 -25.25 3.94
C PRO A 96 -14.75 -25.35 2.46
N ILE A 97 -13.93 -24.69 1.64
CA ILE A 97 -14.07 -24.74 0.19
C ILE A 97 -12.71 -25.00 -0.45
N THR A 98 -12.76 -25.51 -1.68
CA THR A 98 -11.60 -25.53 -2.56
C THR A 98 -12.02 -24.95 -3.90
N TRP A 99 -11.07 -24.34 -4.60
CA TRP A 99 -11.45 -23.71 -5.87
C TRP A 99 -10.26 -23.56 -6.79
N THR A 100 -10.57 -23.31 -8.06
CA THR A 100 -9.54 -23.15 -9.07
C THR A 100 -10.07 -22.27 -10.20
N LEU A 101 -9.17 -21.60 -10.90
CA LEU A 101 -9.53 -20.80 -12.06
CA LEU A 101 -9.54 -20.80 -12.04
C LEU A 101 -9.97 -21.70 -13.19
N VAL A 102 -11.01 -21.28 -13.92
CA VAL A 102 -11.47 -22.03 -15.07
C VAL A 102 -11.57 -21.09 -16.27
N SER A 103 -11.51 -21.69 -17.46
CA SER A 103 -11.62 -21.00 -18.75
C SER A 103 -12.87 -21.57 -19.40
N PRO A 104 -14.04 -20.99 -19.14
CA PRO A 104 -15.29 -21.65 -19.49
C PRO A 104 -15.72 -21.33 -20.92
N ASP A 105 -16.77 -22.04 -21.36
CA ASP A 105 -17.50 -21.58 -22.53
C ASP A 105 -18.10 -20.22 -22.23
N LEU A 106 -17.96 -19.31 -23.17
CA LEU A 106 -18.48 -17.96 -23.03
C LEU A 106 -18.79 -17.49 -24.43
N ALA A 107 -19.98 -16.94 -24.63
CA ALA A 107 -20.42 -16.51 -25.96
C ALA A 107 -19.97 -15.08 -26.21
N GLY A 108 -19.55 -14.83 -27.46
CA GLY A 108 -19.27 -13.48 -27.90
C GLY A 108 -17.87 -13.01 -27.58
N PRO A 109 -17.51 -11.83 -28.08
CA PRO A 109 -16.16 -11.30 -27.92
C PRO A 109 -16.05 -10.52 -26.60
N VAL A 110 -14.82 -10.09 -26.30
CA VAL A 110 -14.67 -9.11 -25.22
C VAL A 110 -15.39 -7.82 -25.62
N SER A 111 -15.67 -6.99 -24.62
CA SER A 111 -16.22 -5.66 -24.87
C SER A 111 -15.49 -4.65 -23.99
N TYR A 112 -15.65 -3.37 -24.34
CA TYR A 112 -14.98 -2.27 -23.66
C TYR A 112 -16.02 -1.24 -23.25
N ARG A 113 -15.81 -0.62 -22.09
CA ARG A 113 -16.70 0.41 -21.58
C ARG A 113 -15.88 1.58 -21.07
N TYR A 114 -16.07 2.76 -21.67
CA TYR A 114 -15.45 3.97 -21.13
C TYR A 114 -16.20 4.43 -19.87
N LYS A 115 -15.43 4.83 -18.86
CA LYS A 115 -16.03 5.27 -17.61
C LYS A 115 -16.72 6.62 -17.79
N GLU A 116 -17.75 6.86 -16.98
CA GLU A 116 -18.39 8.16 -16.88
C GLU A 116 -17.35 9.28 -16.85
N GLY A 117 -17.60 10.33 -17.64
CA GLY A 117 -16.74 11.49 -17.65
C GLY A 117 -15.47 11.35 -18.48
N SER A 118 -15.30 10.23 -19.17
CA SER A 118 -14.13 10.05 -20.02
C SER A 118 -14.15 11.06 -21.16
N THR A 119 -13.03 11.75 -21.34
CA THR A 119 -12.85 12.73 -22.41
C THR A 119 -11.42 12.59 -22.91
N GLN A 120 -11.00 13.54 -23.73
CA GLN A 120 -9.60 13.61 -24.14
C GLN A 120 -8.66 13.96 -22.99
N TRP A 121 -9.19 14.45 -21.87
CA TRP A 121 -8.35 14.89 -20.75
C TRP A 121 -8.14 13.83 -19.69
N TRP A 122 -8.96 12.78 -19.70
CA TRP A 122 -8.91 11.74 -18.69
C TRP A 122 -9.85 10.66 -19.15
N CYS A 123 -9.43 9.40 -19.04
CA CYS A 123 -10.40 8.35 -19.35
C CYS A 123 -10.08 7.10 -18.54
N GLY A 124 -11.08 6.25 -18.45
CA GLY A 124 -10.88 4.91 -17.93
C GLY A 124 -11.63 3.92 -18.78
N ILE A 125 -11.05 2.73 -18.96
CA ILE A 125 -11.65 1.70 -19.79
C ILE A 125 -11.78 0.44 -18.95
N GLN A 126 -12.98 -0.14 -18.96
CA GLN A 126 -13.23 -1.43 -18.32
C GLN A 126 -13.46 -2.48 -19.40
N VAL A 127 -12.89 -3.68 -19.20
CA VAL A 127 -13.10 -4.81 -20.10
C VAL A 127 -14.21 -5.68 -19.54
N ARG A 128 -15.09 -6.15 -20.43
CA ARG A 128 -16.20 -6.99 -20.03
C ARG A 128 -16.23 -8.25 -20.89
N ASN A 129 -16.90 -9.28 -20.37
CA ASN A 129 -17.11 -10.52 -21.13
C ASN A 129 -15.79 -11.15 -21.59
N HIS A 130 -14.81 -11.21 -20.69
CA HIS A 130 -13.54 -11.84 -21.01
C HIS A 130 -13.47 -13.25 -20.44
N ARG A 131 -13.07 -14.20 -21.28
CA ARG A 131 -13.13 -15.61 -20.88
C ARG A 131 -12.12 -15.92 -19.79
N ASN A 132 -10.95 -15.29 -19.84
CA ASN A 132 -9.89 -15.47 -18.88
C ASN A 132 -9.59 -14.12 -18.25
N PRO A 133 -8.99 -14.11 -17.07
CA PRO A 133 -8.68 -12.82 -16.43
C PRO A 133 -7.75 -11.98 -17.29
N VAL A 134 -7.97 -10.67 -17.28
CA VAL A 134 -7.16 -9.73 -18.03
C VAL A 134 -5.96 -9.35 -17.18
N ALA A 135 -4.76 -9.32 -17.79
CA ALA A 135 -3.55 -8.87 -17.12
C ALA A 135 -3.27 -7.39 -17.36
N THR A 136 -3.32 -6.95 -18.62
CA THR A 136 -2.93 -5.58 -18.96
C THR A 136 -3.85 -5.03 -20.06
N LEU A 137 -3.89 -3.71 -20.11
CA LEU A 137 -4.56 -2.98 -21.19
C LEU A 137 -3.64 -1.84 -21.61
N GLU A 138 -3.51 -1.64 -22.92
CA GLU A 138 -2.73 -0.55 -23.47
C GLU A 138 -3.54 0.17 -24.53
N VAL A 139 -3.19 1.44 -24.77
CA VAL A 139 -3.77 2.25 -25.83
C VAL A 139 -2.65 2.69 -26.75
N ARG A 140 -2.97 2.85 -28.04
CA ARG A 140 -1.93 3.19 -29.00
C ARG A 140 -1.65 4.68 -28.98
N THR A 141 -0.37 5.03 -28.91
CA THR A 141 0.12 6.40 -28.99
C THR A 141 1.08 6.48 -30.17
N GLY A 142 0.53 6.70 -31.35
CA GLY A 142 1.36 6.81 -32.54
C GLY A 142 2.04 5.50 -32.85
N THR A 143 3.39 5.52 -32.88
CA THR A 143 4.16 4.33 -33.20
C THR A 143 4.40 3.42 -31.99
N THR A 144 3.93 3.80 -30.81
CA THR A 144 4.13 3.00 -29.61
C THR A 144 2.79 2.77 -28.92
N TRP A 145 2.84 2.01 -27.83
CA TRP A 145 1.67 1.72 -27.02
C TRP A 145 1.96 2.14 -25.59
N ARG A 146 0.90 2.49 -24.86
CA ARG A 146 1.02 2.94 -23.48
C ARG A 146 0.15 2.09 -22.58
N GLN A 147 0.74 1.50 -21.55
CA GLN A 147 -0.01 0.77 -20.54
C GLN A 147 -0.87 1.74 -19.73
N LEU A 148 -2.13 1.38 -19.53
CA LEU A 148 -2.97 2.13 -18.61
C LEU A 148 -3.07 1.32 -17.32
N PRO A 149 -2.68 1.88 -16.18
CA PRO A 149 -2.71 1.10 -14.93
C PRO A 149 -4.13 0.76 -14.51
N ARG A 150 -4.33 -0.48 -14.10
CA ARG A 150 -5.62 -0.88 -13.57
C ARG A 150 -5.78 -0.34 -12.16
N GLN A 151 -6.94 0.22 -11.87
CA GLN A 151 -7.27 0.66 -10.53
C GLN A 151 -8.06 -0.44 -9.84
N GLU A 152 -8.14 -0.34 -8.51
CA GLU A 152 -8.85 -1.38 -7.76
C GLU A 152 -10.32 -1.45 -8.15
N TYR A 153 -10.88 -0.35 -8.66
CA TYR A 153 -12.26 -0.33 -9.11
C TYR A 153 -12.41 -0.81 -10.55
N ASN A 154 -11.37 -1.43 -11.12
CA ASN A 154 -11.51 -2.28 -12.30
C ASN A 154 -11.74 -1.47 -13.57
N TYR A 155 -11.17 -0.28 -13.64
CA TYR A 155 -10.98 0.45 -14.88
C TYR A 155 -9.49 0.69 -15.03
N PHE A 156 -9.01 0.60 -16.27
CA PHE A 156 -7.65 0.97 -16.63
C PHE A 156 -7.66 2.45 -17.02
N VAL A 157 -6.87 3.27 -16.32
CA VAL A 157 -7.05 4.71 -16.34
C VAL A 157 -5.88 5.42 -17.03
N SER A 158 -6.21 6.36 -17.93
CA SER A 158 -5.24 7.29 -18.50
C SER A 158 -5.44 8.63 -17.82
N ALA A 159 -4.57 8.95 -16.86
CA ALA A 159 -4.81 10.08 -15.96
C ALA A 159 -4.71 11.42 -16.68
N ASP A 160 -3.95 11.49 -17.77
CA ASP A 160 -3.79 12.73 -18.53
C ASP A 160 -4.49 12.70 -19.88
N GLY A 161 -5.23 11.63 -20.17
CA GLY A 161 -5.98 11.54 -21.41
C GLY A 161 -5.22 10.94 -22.57
N ALA A 162 -3.94 10.67 -22.42
CA ALA A 162 -3.16 10.13 -23.53
C ALA A 162 -3.75 8.79 -23.99
N GLY A 163 -3.93 8.66 -25.31
CA GLY A 163 -4.46 7.44 -25.87
C GLY A 163 -5.95 7.26 -25.74
N CYS A 164 -6.66 8.18 -25.08
CA CYS A 164 -8.10 8.03 -24.96
C CYS A 164 -8.74 8.15 -26.33
N GLY A 165 -9.61 7.19 -26.66
CA GLY A 165 -10.18 7.12 -27.99
C GLY A 165 -9.34 6.43 -29.04
N SER A 166 -8.19 5.89 -28.67
CA SER A 166 -7.28 5.27 -29.62
C SER A 166 -7.56 3.77 -29.71
N ASP A 167 -6.73 3.07 -30.48
CA ASP A 167 -6.75 1.61 -30.49
C ASP A 167 -6.45 1.08 -29.10
N ILE A 168 -7.04 -0.06 -28.76
CA ILE A 168 -6.89 -0.70 -27.46
C ILE A 168 -6.37 -2.12 -27.68
N ARG A 169 -5.50 -2.57 -26.78
CA ARG A 169 -5.17 -3.99 -26.81
C ARG A 169 -5.07 -4.52 -25.38
N VAL A 170 -5.59 -5.73 -25.19
CA VAL A 170 -5.66 -6.36 -23.88
C VAL A 170 -4.91 -7.67 -23.92
N LYS A 171 -4.25 -8.00 -22.84
CA LYS A 171 -3.49 -9.23 -22.72
C LYS A 171 -4.02 -9.99 -21.52
N ASP A 172 -4.39 -11.26 -21.70
CA ASP A 172 -4.91 -12.04 -20.59
C ASP A 172 -3.75 -12.65 -19.79
N ILE A 173 -4.10 -13.34 -18.70
CA ILE A 173 -3.08 -13.89 -17.83
C ILE A 173 -2.30 -15.03 -18.47
N HIS A 174 -2.82 -15.60 -19.56
CA HIS A 174 -2.09 -16.64 -20.29
C HIS A 174 -1.10 -16.08 -21.30
N GLY A 175 -1.07 -14.76 -21.47
CA GLY A 175 -0.14 -14.11 -22.36
C GLY A 175 -0.64 -13.85 -23.76
N GLN A 176 -1.94 -14.02 -24.03
CA GLN A 176 -2.51 -13.76 -25.34
C GLN A 176 -2.99 -12.31 -25.42
N THR A 177 -2.62 -11.62 -26.50
CA THR A 177 -3.06 -10.25 -26.75
C THR A 177 -4.14 -10.23 -27.81
N LEU A 178 -5.16 -9.41 -27.57
CA LEU A 178 -6.18 -9.09 -28.57
C LEU A 178 -6.10 -7.59 -28.84
N THR A 179 -6.05 -7.21 -30.11
CA THR A 179 -5.99 -5.82 -30.52
C THR A 179 -7.34 -5.41 -31.09
N ASP A 180 -7.86 -4.27 -30.63
CA ASP A 180 -9.16 -3.80 -31.06
C ASP A 180 -9.07 -2.36 -31.52
N THR A 181 -9.88 -2.04 -32.52
CA THR A 181 -9.97 -0.69 -33.07
C THR A 181 -11.42 -0.29 -33.15
N GLY A 182 -11.66 1.00 -33.42
CA GLY A 182 -13.01 1.47 -33.62
C GLY A 182 -13.83 1.59 -32.36
N ILE A 183 -13.20 1.53 -31.19
CA ILE A 183 -13.91 1.75 -29.93
C ILE A 183 -14.00 3.26 -29.71
N ALA A 184 -15.21 3.80 -29.76
CA ALA A 184 -15.40 5.24 -29.66
C ALA A 184 -15.25 5.72 -28.23
N LEU A 185 -14.83 6.98 -28.08
CA LEU A 185 -14.70 7.61 -26.78
C LEU A 185 -16.11 8.04 -26.32
N THR A 186 -16.88 7.03 -25.90
CA THR A 186 -18.30 7.22 -25.58
C THR A 186 -18.57 6.62 -24.21
N PRO A 187 -18.69 7.43 -23.17
CA PRO A 187 -18.87 6.88 -21.82
C PRO A 187 -20.15 6.07 -21.68
N ASN A 188 -20.09 5.05 -20.82
CA ASN A 188 -21.26 4.34 -20.32
C ASN A 188 -21.93 3.44 -21.35
N VAL A 189 -21.23 3.02 -22.40
CA VAL A 189 -21.78 2.12 -23.40
C VAL A 189 -20.82 0.97 -23.59
N ASP A 190 -21.32 -0.27 -23.54
CA ASP A 190 -20.47 -1.42 -23.80
C ASP A 190 -20.30 -1.57 -25.31
N GLN A 191 -19.06 -1.62 -25.75
CA GLN A 191 -18.72 -1.70 -27.17
C GLN A 191 -17.98 -2.99 -27.45
N PRO A 192 -18.49 -3.87 -28.30
CA PRO A 192 -17.83 -5.16 -28.52
C PRO A 192 -16.52 -5.02 -29.30
N GLY A 193 -15.54 -5.81 -28.90
CA GLY A 193 -14.36 -6.04 -29.72
C GLY A 193 -14.62 -7.09 -30.77
N ARG A 194 -13.56 -7.52 -31.44
CA ARG A 194 -13.71 -8.46 -32.54
C ARG A 194 -13.47 -9.92 -32.16
N ALA A 195 -12.90 -10.21 -30.99
CA ALA A 195 -12.50 -11.57 -30.65
C ALA A 195 -12.64 -11.82 -29.16
N GLN A 196 -12.63 -13.10 -28.82
CA GLN A 196 -12.57 -13.60 -27.45
C GLN A 196 -11.22 -14.27 -27.21
N PHE A 197 -10.76 -14.26 -25.96
CA PHE A 197 -9.55 -15.00 -25.64
C PHE A 197 -9.75 -16.51 -25.85
N THR A 198 -8.64 -17.20 -26.11
CA THR A 198 -8.66 -18.63 -26.34
C THR A 198 -9.19 -19.39 -25.13
N LYS A 199 -9.99 -20.42 -25.37
CA LYS A 199 -10.40 -21.34 -24.31
C LYS A 199 -9.25 -22.26 -23.95
N ARG A 200 -8.83 -22.24 -22.69
CA ARG A 200 -7.66 -22.99 -22.25
C ARG A 200 -8.10 -24.30 -21.61
N ALA A 201 -7.47 -25.40 -22.01
CA ALA A 201 -7.80 -26.72 -21.46
C ALA A 201 -7.39 -26.84 -19.99
N ALA B 1 1.87 -3.99 12.86
CA ALA B 1 2.41 -4.02 14.21
C ALA B 1 2.91 -5.41 14.58
N SER B 2 3.77 -5.97 13.73
CA SER B 2 4.26 -7.32 13.97
C SER B 2 5.15 -7.39 15.21
N VAL B 3 6.16 -6.52 15.27
CA VAL B 3 7.17 -6.67 16.32
C VAL B 3 6.60 -6.27 17.67
N GLN B 4 6.71 -7.15 18.64
CA GLN B 4 6.15 -6.95 19.97
C GLN B 4 7.22 -7.22 21.03
N PRO B 5 7.18 -6.49 22.14
CA PRO B 5 8.12 -6.78 23.23
C PRO B 5 7.82 -8.14 23.83
N GLY B 6 8.88 -8.78 24.33
CA GLY B 6 8.75 -10.08 24.97
C GLY B 6 8.70 -11.26 24.03
N VAL B 7 8.89 -11.04 22.73
CA VAL B 7 8.83 -12.11 21.74
C VAL B 7 10.21 -12.27 21.12
N THR B 8 10.64 -13.52 20.96
CA THR B 8 11.88 -13.83 20.24
C THR B 8 11.52 -14.21 18.81
N TYR B 9 12.14 -13.53 17.85
CA TYR B 9 11.90 -13.78 16.44
C TYR B 9 13.09 -14.51 15.85
N SER B 10 12.81 -15.31 14.84
CA SER B 10 13.83 -16.04 14.10
C SER B 10 13.87 -15.52 12.68
N GLY B 11 15.07 -15.48 12.12
CA GLY B 11 15.24 -15.08 10.74
C GLY B 11 16.65 -15.28 10.28
N GLU B 12 17.03 -14.51 9.27
CA GLU B 12 18.37 -14.57 8.73
C GLU B 12 19.04 -13.22 8.84
N GLY B 13 20.32 -13.24 9.19
CA GLY B 13 21.13 -12.04 9.23
C GLY B 13 22.04 -11.99 8.02
N THR B 14 22.10 -10.81 7.40
CA THR B 14 23.02 -10.48 6.33
C THR B 14 23.71 -9.18 6.72
N PHE B 15 24.54 -8.64 5.84
CA PHE B 15 25.18 -7.36 6.14
C PHE B 15 25.25 -6.46 4.91
N TYR B 16 25.37 -5.15 5.18
CA TYR B 16 25.57 -4.16 4.13
C TYR B 16 26.48 -3.06 4.64
N GLY B 17 26.86 -2.16 3.72
CA GLY B 17 27.72 -1.05 4.04
C GLY B 17 26.98 0.10 4.72
N ALA B 18 26.53 -0.14 5.94
CA ALA B 18 25.74 0.83 6.69
C ALA B 18 26.65 1.92 7.23
N THR B 19 26.18 3.17 7.13
CA THR B 19 26.88 4.31 7.70
C THR B 19 26.09 5.01 8.79
N GLY B 20 24.83 4.63 9.00
CA GLY B 20 23.93 5.32 9.89
C GLY B 20 22.83 6.08 9.18
N VAL B 21 23.06 6.48 7.92
CA VAL B 21 22.01 7.08 7.11
C VAL B 21 21.17 5.98 6.47
N GLY B 22 19.93 6.32 6.14
CA GLY B 22 19.02 5.29 5.68
C GLY B 22 17.58 5.78 5.76
N ASN B 23 16.66 4.81 5.73
CA ASN B 23 15.25 5.11 5.60
C ASN B 23 14.69 5.82 6.83
N CYS B 24 15.37 5.70 7.97
CA CYS B 24 14.91 6.38 9.19
C CYS B 24 15.36 7.84 9.25
N LEU B 25 16.17 8.28 8.29
CA LEU B 25 16.62 9.68 8.23
CA LEU B 25 16.63 9.68 8.23
C LEU B 25 17.38 10.11 9.48
N TYR B 26 18.20 9.19 10.02
CA TYR B 26 19.14 9.53 11.07
C TYR B 26 20.47 9.99 10.45
N ASP B 27 21.44 10.35 11.29
CA ASP B 27 22.72 10.85 10.81
C ASP B 27 23.78 9.76 10.75
N ALA B 28 24.79 10.00 9.90
CA ALA B 28 25.96 9.12 9.87
C ALA B 28 26.55 8.98 11.26
N THR B 29 27.04 7.78 11.56
CA THR B 29 27.54 7.50 12.90
C THR B 29 28.80 6.64 12.82
N SER B 30 29.68 6.82 13.80
CA SER B 30 30.82 5.94 13.97
C SER B 30 30.47 4.67 14.76
N ASP B 31 29.24 4.56 15.27
CA ASP B 31 28.89 3.41 16.09
C ASP B 31 28.73 2.18 15.21
N ILE B 32 29.24 1.04 15.69
CA ILE B 32 29.10 -0.17 14.88
C ILE B 32 27.73 -0.80 15.01
N ALA B 33 27.00 -0.57 16.10
CA ALA B 33 25.81 -1.36 16.41
C ALA B 33 24.55 -0.77 15.76
N ILE B 34 24.51 -0.87 14.44
CA ILE B 34 23.39 -0.36 13.65
C ILE B 34 22.97 -1.43 12.65
N ALA B 35 21.71 -1.36 12.22
CA ALA B 35 21.17 -2.36 11.30
C ALA B 35 19.99 -1.80 10.55
N ALA B 36 19.67 -2.44 9.42
CA ALA B 36 18.42 -2.23 8.70
C ALA B 36 17.48 -3.37 9.03
N LEU B 37 16.19 -3.07 9.17
CA LEU B 37 15.19 -4.08 9.47
C LEU B 37 14.38 -4.36 8.22
N ASN B 38 13.99 -5.64 8.05
CA ASN B 38 13.19 -6.02 6.89
C ASN B 38 11.93 -5.17 6.81
N HIS B 39 11.45 -4.94 5.58
CA HIS B 39 10.33 -4.04 5.33
C HIS B 39 9.12 -4.33 6.22
N THR B 40 8.72 -5.60 6.32
CA THR B 40 7.50 -5.91 7.05
C THR B 40 7.60 -5.47 8.50
N ASP B 41 8.70 -5.85 9.16
CA ASP B 41 8.87 -5.52 10.57
C ASP B 41 9.19 -4.04 10.79
N TYR B 42 9.80 -3.40 9.79
CA TYR B 42 10.06 -1.96 9.84
C TYR B 42 8.76 -1.18 10.07
N ASP B 43 7.67 -1.62 9.41
CA ASP B 43 6.31 -1.21 9.76
C ASP B 43 6.13 0.31 9.70
N ASN B 44 6.39 0.88 8.52
CA ASN B 44 6.18 2.32 8.27
C ASN B 44 6.88 3.16 9.33
N ALA B 45 8.12 2.78 9.63
CA ALA B 45 9.03 3.48 10.54
C ALA B 45 8.69 3.28 12.01
N ARG B 46 7.69 2.47 12.35
CA ARG B 46 7.40 2.25 13.76
C ARG B 46 8.60 1.65 14.49
N MET B 47 9.44 0.89 13.79
CA MET B 47 10.62 0.31 14.40
C MET B 47 11.87 1.15 14.22
N CYS B 48 11.77 2.36 13.64
CA CYS B 48 12.94 3.22 13.57
C CYS B 48 13.46 3.54 14.97
N GLY B 49 14.76 3.39 15.16
CA GLY B 49 15.34 3.67 16.46
C GLY B 49 15.10 2.61 17.50
N ALA B 50 14.45 1.51 17.14
CA ALA B 50 14.30 0.39 18.07
C ALA B 50 15.66 -0.23 18.35
N PHE B 51 15.83 -0.69 19.58
CA PHE B 51 17.01 -1.47 19.95
C PHE B 51 16.60 -2.94 19.98
N ILE B 52 17.31 -3.76 19.22
CA ILE B 52 17.07 -5.20 19.22
C ILE B 52 18.37 -5.91 19.55
N ARG B 53 18.27 -6.91 20.42
CA ARG B 53 19.41 -7.76 20.74
CA ARG B 53 19.41 -7.76 20.74
C ARG B 53 19.42 -8.94 19.76
N VAL B 54 20.47 -9.03 18.95
CA VAL B 54 20.55 -10.01 17.89
C VAL B 54 21.58 -11.06 18.26
N LYS B 55 21.19 -12.33 18.19
CA LYS B 55 22.08 -13.45 18.44
C LYS B 55 22.36 -14.16 17.12
N GLY B 56 23.64 -14.34 16.81
CA GLY B 56 24.08 -15.08 15.66
C GLY B 56 24.97 -16.23 16.09
N PRO B 57 25.53 -16.95 15.13
CA PRO B 57 26.34 -18.13 15.47
C PRO B 57 27.58 -17.82 16.31
N ARG B 58 28.09 -16.59 16.27
CA ARG B 58 29.34 -16.25 16.95
C ARG B 58 29.18 -15.24 18.07
N GLY B 59 27.97 -14.81 18.42
CA GLY B 59 27.81 -13.91 19.54
C GLY B 59 26.49 -13.16 19.46
N GLU B 60 26.34 -12.22 20.39
CA GLU B 60 25.14 -11.39 20.49
C GLU B 60 25.55 -9.93 20.52
N LEU B 61 24.68 -9.08 20.00
CA LEU B 61 24.94 -7.65 19.98
C LEU B 61 23.60 -6.93 19.92
N THR B 62 23.45 -5.89 20.75
CA THR B 62 22.28 -5.02 20.68
C THR B 62 22.55 -3.93 19.66
N VAL B 63 21.67 -3.82 18.66
CA VAL B 63 21.83 -2.85 17.58
C VAL B 63 20.61 -1.94 17.57
N ARG B 64 20.79 -0.76 17.00
CA ARG B 64 19.65 0.13 16.76
C ARG B 64 19.27 0.14 15.28
N ILE B 65 17.97 0.18 15.03
CA ILE B 65 17.44 0.16 13.66
C ILE B 65 17.54 1.56 13.07
N VAL B 66 18.22 1.68 11.94
CA VAL B 66 18.42 2.96 11.27
C VAL B 66 17.96 2.95 9.82
N ASP B 67 17.47 1.82 9.32
CA ASP B 67 17.26 1.68 7.89
C ASP B 67 16.26 0.57 7.66
N ARG B 68 15.85 0.42 6.40
CA ARG B 68 14.87 -0.57 5.98
C ARG B 68 15.46 -1.41 4.86
N CYS B 69 15.23 -2.72 4.92
CA CYS B 69 15.70 -3.64 3.87
C CYS B 69 14.50 -4.16 3.10
N PRO B 70 14.30 -3.72 1.84
CA PRO B 70 13.08 -4.12 1.11
C PRO B 70 13.03 -5.59 0.73
N GLU B 71 14.18 -6.20 0.44
CA GLU B 71 14.16 -7.58 -0.03
C GLU B 71 14.23 -8.60 1.09
N CYS B 72 14.48 -8.16 2.31
CA CYS B 72 14.56 -9.07 3.45
C CYS B 72 13.16 -9.51 3.87
N ARG B 73 13.05 -10.75 4.36
CA ARG B 73 11.78 -11.33 4.76
C ARG B 73 11.47 -11.01 6.21
N PRO B 74 10.23 -11.21 6.67
CA PRO B 74 9.94 -11.04 8.10
C PRO B 74 10.90 -11.85 8.96
N GLY B 75 11.37 -11.23 10.04
CA GLY B 75 12.38 -11.80 10.90
C GLY B 75 13.81 -11.51 10.50
N ASP B 76 14.05 -10.99 9.29
CA ASP B 76 15.40 -10.80 8.82
C ASP B 76 15.95 -9.44 9.23
N VAL B 77 17.27 -9.40 9.47
CA VAL B 77 17.98 -8.18 9.84
C VAL B 77 19.21 -8.06 8.95
N ASP B 78 19.40 -6.90 8.33
CA ASP B 78 20.56 -6.60 7.49
C ASP B 78 21.47 -5.70 8.32
N LEU B 79 22.45 -6.30 8.99
CA LEU B 79 23.28 -5.55 9.93
C LEU B 79 24.36 -4.75 9.20
N GLY B 80 24.86 -3.72 9.87
CA GLY B 80 26.10 -3.11 9.42
C GLY B 80 27.22 -4.13 9.38
N GLN B 81 28.22 -3.85 8.53
CA GLN B 81 29.28 -4.83 8.31
C GLN B 81 30.00 -5.18 9.60
N GLN B 82 30.35 -4.17 10.41
CA GLN B 82 31.08 -4.46 11.65
C GLN B 82 30.20 -5.11 12.69
N ALA B 83 28.91 -4.74 12.73
CA ALA B 83 27.98 -5.39 13.62
C ALA B 83 27.84 -6.88 13.27
N PHE B 84 27.78 -7.20 11.98
CA PHE B 84 27.64 -8.59 11.57
C PHE B 84 28.82 -9.43 12.05
N ALA B 85 30.03 -8.88 11.95
CA ALA B 85 31.22 -9.62 12.37
C ALA B 85 31.22 -9.90 13.88
N ARG B 86 30.44 -9.15 14.66
CA ARG B 86 30.33 -9.43 16.08
C ARG B 86 29.48 -10.66 16.38
N ILE B 87 28.57 -11.02 15.47
CA ILE B 87 27.66 -12.14 15.72
C ILE B 87 27.86 -13.29 14.75
N ALA B 88 28.75 -13.16 13.77
CA ALA B 88 28.82 -14.16 12.70
C ALA B 88 30.15 -14.06 11.99
N ASP B 89 30.46 -15.10 11.22
CA ASP B 89 31.61 -15.11 10.33
C ASP B 89 31.24 -14.33 9.07
N PRO B 90 31.91 -13.21 8.76
CA PRO B 90 31.56 -12.45 7.56
C PRO B 90 31.57 -13.27 6.28
N VAL B 91 32.44 -14.29 6.19
CA VAL B 91 32.51 -15.11 4.99
C VAL B 91 31.20 -15.85 4.75
N ALA B 92 30.43 -16.10 5.82
CA ALA B 92 29.19 -16.85 5.68
C ALA B 92 28.14 -16.09 4.88
N GLY B 93 28.14 -14.75 4.95
CA GLY B 93 27.22 -13.91 4.21
C GLY B 93 25.80 -13.85 4.73
N ARG B 94 25.26 -15.00 5.08
CA ARG B 94 23.88 -15.15 5.52
C ARG B 94 23.86 -16.24 6.59
N VAL B 95 23.32 -15.92 7.77
CA VAL B 95 23.35 -16.82 8.91
C VAL B 95 22.00 -16.82 9.61
N PRO B 96 21.68 -17.89 10.32
CA PRO B 96 20.48 -17.87 11.17
C PRO B 96 20.68 -16.93 12.36
N ILE B 97 19.64 -16.16 12.68
CA ILE B 97 19.66 -15.28 13.85
C ILE B 97 18.37 -15.44 14.63
N THR B 98 18.44 -15.05 15.91
CA THR B 98 17.25 -14.78 16.69
C THR B 98 17.41 -13.39 17.32
N TRP B 99 16.29 -12.73 17.60
CA TRP B 99 16.38 -11.38 18.14
C TRP B 99 15.13 -11.01 18.93
N THR B 100 15.28 -9.99 19.76
CA THR B 100 14.16 -9.50 20.55
C THR B 100 14.32 -8.00 20.78
N LEU B 101 13.18 -7.33 20.97
CA LEU B 101 13.19 -5.92 21.31
C LEU B 101 13.68 -5.73 22.74
N VAL B 102 14.56 -4.76 22.94
CA VAL B 102 15.05 -4.49 24.29
C VAL B 102 14.84 -3.02 24.64
N SER B 103 14.90 -2.76 25.95
CA SER B 103 14.70 -1.42 26.53
C SER B 103 15.98 -1.11 27.28
N PRO B 104 16.98 -0.55 26.62
CA PRO B 104 18.32 -0.51 27.18
C PRO B 104 18.54 0.71 28.07
N ASP B 105 19.69 0.69 28.74
CA ASP B 105 20.18 1.92 29.33
C ASP B 105 20.47 2.91 28.21
N LEU B 106 20.05 4.14 28.42
CA LEU B 106 20.21 5.19 27.42
C LEU B 106 20.31 6.48 28.20
N ALA B 107 21.30 7.31 27.87
CA ALA B 107 21.52 8.57 28.57
C ALA B 107 20.67 9.67 27.95
N GLY B 108 20.09 10.50 28.81
CA GLY B 108 19.43 11.71 28.37
C GLY B 108 17.98 11.50 27.97
N PRO B 109 17.28 12.60 27.71
CA PRO B 109 15.85 12.54 27.37
C PRO B 109 15.64 12.30 25.89
N VAL B 110 14.38 12.16 25.48
CA VAL B 110 14.08 12.17 24.05
C VAL B 110 14.44 13.54 23.50
N SER B 111 14.63 13.60 22.18
CA SER B 111 14.84 14.87 21.50
CA SER B 111 14.88 14.87 21.49
C SER B 111 13.97 14.94 20.27
N TYR B 112 13.82 16.16 19.75
CA TYR B 112 12.95 16.42 18.60
C TYR B 112 13.73 17.21 17.56
N ARG B 113 13.40 16.94 16.28
CA ARG B 113 14.06 17.62 15.18
C ARG B 113 13.00 17.99 14.16
N TYR B 114 12.84 19.29 13.90
CA TYR B 114 11.96 19.73 12.83
C TYR B 114 12.61 19.49 11.47
N LYS B 115 11.80 19.04 10.51
CA LYS B 115 12.31 18.78 9.18
C LYS B 115 12.67 20.07 8.46
N GLU B 116 13.64 19.97 7.54
CA GLU B 116 13.98 21.07 6.65
C GLU B 116 12.71 21.70 6.08
N GLY B 117 12.66 23.04 6.10
CA GLY B 117 11.53 23.76 5.54
C GLY B 117 10.33 23.89 6.44
N SER B 118 10.39 23.39 7.67
CA SER B 118 9.25 23.50 8.58
C SER B 118 8.98 24.96 8.95
N THR B 119 7.71 25.34 8.93
CA THR B 119 7.22 26.65 9.35
C THR B 119 5.90 26.42 10.06
N GLN B 120 5.21 27.51 10.40
CA GLN B 120 3.87 27.31 10.95
C GLN B 120 2.85 26.89 9.90
N TRP B 121 3.23 26.86 8.62
CA TRP B 121 2.33 26.51 7.53
C TRP B 121 2.47 25.07 7.07
N TRP B 122 3.54 24.38 7.47
CA TRP B 122 3.80 22.99 7.13
C TRP B 122 4.99 22.55 7.98
N CYS B 123 4.94 21.33 8.52
CA CYS B 123 6.10 20.89 9.27
C CYS B 123 6.16 19.38 9.35
N GLY B 124 7.32 18.89 9.72
CA GLY B 124 7.50 17.50 10.12
C GLY B 124 8.43 17.45 11.32
N ILE B 125 8.21 16.46 12.17
CA ILE B 125 8.96 16.31 13.41
C ILE B 125 9.48 14.89 13.48
N GLN B 126 10.76 14.74 13.79
CA GLN B 126 11.36 13.44 14.05
C GLN B 126 11.74 13.35 15.52
N VAL B 127 11.51 12.20 16.12
CA VAL B 127 11.92 11.92 17.49
C VAL B 127 13.27 11.22 17.47
N ARG B 128 14.15 11.62 18.38
CA ARG B 128 15.46 10.98 18.50
C ARG B 128 15.70 10.58 19.96
N ASN B 129 16.65 9.65 20.14
CA ASN B 129 17.11 9.24 21.47
C ASN B 129 15.98 8.73 22.35
N HIS B 130 15.12 7.89 21.78
CA HIS B 130 14.02 7.29 22.54
C HIS B 130 14.37 5.85 22.94
N ARG B 131 14.18 5.54 24.23
CA ARG B 131 14.62 4.25 24.74
C ARG B 131 13.80 3.10 24.17
N ASN B 132 12.52 3.32 23.95
CA ASN B 132 11.61 2.34 23.39
C ASN B 132 11.04 2.90 22.10
N PRO B 133 10.56 2.04 21.21
CA PRO B 133 10.02 2.54 19.95
C PRO B 133 8.82 3.46 20.18
N VAL B 134 8.72 4.50 19.34
CA VAL B 134 7.62 5.46 19.42
C VAL B 134 6.44 4.91 18.63
N ALA B 135 5.25 5.00 19.21
CA ALA B 135 4.03 4.64 18.50
C ALA B 135 3.37 5.83 17.80
N THR B 136 3.22 6.95 18.51
CA THR B 136 2.48 8.08 17.96
C THR B 136 3.12 9.39 18.41
N LEU B 137 2.86 10.43 17.61
CA LEU B 137 3.22 11.80 17.97
C LEU B 137 2.02 12.70 17.69
N GLU B 138 1.73 13.59 18.64
CA GLU B 138 0.66 14.56 18.49
C GLU B 138 1.19 15.94 18.81
N VAL B 139 0.52 16.96 18.24
CA VAL B 139 0.78 18.36 18.52
C VAL B 139 -0.50 19.00 19.06
N ARG B 140 -0.34 19.98 19.95
CA ARG B 140 -1.51 20.58 20.58
C ARG B 140 -2.14 21.62 19.67
N THR B 141 -3.45 21.51 19.50
CA THR B 141 -4.27 22.48 18.75
C THR B 141 -5.30 23.06 19.71
N GLY B 142 -4.92 24.11 20.42
CA GLY B 142 -5.84 24.73 21.36
C GLY B 142 -6.18 23.78 22.49
N THR B 143 -7.48 23.48 22.64
CA THR B 143 -7.96 22.64 23.73
C THR B 143 -7.84 21.15 23.42
N THR B 144 -7.41 20.77 22.22
CA THR B 144 -7.34 19.37 21.81
C THR B 144 -5.95 19.07 21.29
N TRP B 145 -5.73 17.82 20.89
CA TRP B 145 -4.47 17.38 20.31
C TRP B 145 -4.74 16.75 18.96
N ARG B 146 -3.74 16.83 18.08
CA ARG B 146 -3.85 16.29 16.73
C ARG B 146 -2.72 15.30 16.47
N GLN B 147 -3.09 14.10 16.03
CA GLN B 147 -2.08 13.12 15.62
C GLN B 147 -1.43 13.57 14.32
N LEU B 148 -0.12 13.49 14.27
CA LEU B 148 0.57 13.70 13.00
C LEU B 148 0.96 12.33 12.45
N PRO B 149 0.59 12.01 11.21
CA PRO B 149 0.90 10.68 10.67
C PRO B 149 2.39 10.51 10.43
N ARG B 150 2.92 9.38 10.86
CA ARG B 150 4.32 9.06 10.60
C ARG B 150 4.46 8.62 9.15
N GLN B 151 5.47 9.16 8.48
CA GLN B 151 5.81 8.72 7.15
C GLN B 151 6.88 7.65 7.22
N GLU B 152 7.07 6.93 6.11
CA GLU B 152 8.07 5.86 6.12
C GLU B 152 9.47 6.39 6.34
N TYR B 153 9.70 7.66 6.02
CA TYR B 153 10.98 8.32 6.25
C TYR B 153 11.10 8.91 7.64
N ASN B 154 10.21 8.54 8.56
CA ASN B 154 10.46 8.70 10.00
C ASN B 154 10.37 10.15 10.47
N TYR B 155 9.56 10.95 9.80
CA TYR B 155 9.07 12.21 10.32
C TYR B 155 7.55 12.11 10.43
N PHE B 156 7.00 12.70 11.48
CA PHE B 156 5.56 12.84 11.66
C PHE B 156 5.18 14.20 11.07
N VAL B 157 4.27 14.23 10.09
CA VAL B 157 4.10 15.40 9.25
C VAL B 157 2.74 16.04 9.49
N SER B 158 2.74 17.38 9.61
CA SER B 158 1.51 18.18 9.62
C SER B 158 1.40 18.87 8.26
N ALA B 159 0.55 18.31 7.40
CA ALA B 159 0.49 18.75 6.00
C ALA B 159 -0.05 20.16 5.86
N ASP B 160 -0.93 20.60 6.77
CA ASP B 160 -1.51 21.93 6.71
C ASP B 160 -0.94 22.88 7.76
N GLY B 161 0.10 22.47 8.48
CA GLY B 161 0.74 23.33 9.45
C GLY B 161 0.10 23.37 10.82
N ALA B 162 -1.07 22.76 11.00
CA ALA B 162 -1.72 22.80 12.31
C ALA B 162 -0.83 22.22 13.39
N GLY B 163 -0.71 22.94 14.51
CA GLY B 163 0.10 22.48 15.61
C GLY B 163 1.60 22.67 15.43
N CYS B 164 2.05 23.11 14.26
CA CYS B 164 3.48 23.32 14.07
C CYS B 164 3.97 24.40 15.00
N GLY B 165 5.02 24.10 15.77
CA GLY B 165 5.52 25.00 16.77
C GLY B 165 4.80 24.96 18.10
N SER B 166 3.85 24.06 18.27
CA SER B 166 3.09 23.97 19.52
C SER B 166 3.71 22.91 20.43
N ASP B 167 2.99 22.57 21.50
CA ASP B 167 3.41 21.49 22.38
C ASP B 167 3.35 20.16 21.63
N ILE B 168 4.23 19.24 22.01
CA ILE B 168 4.34 17.94 21.37
C ILE B 168 4.17 16.87 22.44
N ARG B 169 3.52 15.78 22.07
CA ARG B 169 3.54 14.63 22.97
C ARG B 169 3.74 13.35 22.19
N VAL B 170 4.54 12.45 22.76
CA VAL B 170 4.89 11.19 22.11
C VAL B 170 4.48 10.05 23.02
N LYS B 171 4.00 8.97 22.41
CA LYS B 171 3.58 7.79 23.13
C LYS B 171 4.39 6.62 22.62
N ASP B 172 5.01 5.86 23.54
CA ASP B 172 5.81 4.72 23.11
C ASP B 172 4.92 3.49 22.94
N ILE B 173 5.52 2.39 22.47
CA ILE B 173 4.76 1.18 22.19
C ILE B 173 4.23 0.53 23.48
N HIS B 174 4.78 0.87 24.64
CA HIS B 174 4.28 0.36 25.91
C HIS B 174 3.10 1.16 26.44
N GLY B 175 2.73 2.25 25.77
CA GLY B 175 1.58 3.03 26.16
C GLY B 175 1.88 4.23 27.04
N GLN B 176 3.16 4.58 27.24
CA GLN B 176 3.52 5.72 28.06
C GLN B 176 3.62 6.97 27.19
N THR B 177 3.03 8.06 27.66
CA THR B 177 3.09 9.34 26.97
C THR B 177 4.03 10.30 27.70
N LEU B 178 4.81 11.05 26.92
CA LEU B 178 5.64 12.14 27.40
C LEU B 178 5.20 13.41 26.70
N THR B 179 4.97 14.47 27.46
CA THR B 179 4.57 15.76 26.91
C THR B 179 5.73 16.74 27.01
N ASP B 180 5.97 17.47 25.92
CA ASP B 180 7.07 18.43 25.87
C ASP B 180 6.60 19.77 25.34
N THR B 181 7.19 20.83 25.89
CA THR B 181 6.89 22.19 25.49
C THR B 181 8.19 22.91 25.19
N GLY B 182 8.08 24.10 24.61
CA GLY B 182 9.24 24.92 24.35
C GLY B 182 10.16 24.41 23.25
N ILE B 183 9.70 23.47 22.44
CA ILE B 183 10.44 23.03 21.27
C ILE B 183 10.25 24.08 20.19
N ALA B 184 11.31 24.80 19.85
CA ALA B 184 11.20 25.88 18.88
C ALA B 184 11.03 25.33 17.48
N LEU B 185 10.40 26.14 16.62
CA LEU B 185 10.17 25.77 15.22
C LEU B 185 11.42 26.09 14.41
N THR B 186 12.45 25.29 14.63
CA THR B 186 13.78 25.54 14.06
C THR B 186 14.23 24.30 13.30
N PRO B 187 14.23 24.32 11.97
CA PRO B 187 14.58 23.12 11.21
C PRO B 187 16.01 22.66 11.48
N ASN B 188 16.16 21.32 11.50
CA ASN B 188 17.47 20.65 11.46
C ASN B 188 18.34 20.94 12.68
N VAL B 189 17.72 21.18 13.83
CA VAL B 189 18.43 21.28 15.10
C VAL B 189 17.77 20.31 16.07
N ASP B 190 18.55 19.39 16.64
CA ASP B 190 18.00 18.49 17.65
C ASP B 190 17.77 19.27 18.93
N GLN B 191 16.57 19.14 19.50
CA GLN B 191 16.18 19.85 20.71
C GLN B 191 15.72 18.87 21.77
N PRO B 192 16.36 18.82 22.94
CA PRO B 192 15.98 17.85 23.95
C PRO B 192 14.63 18.16 24.59
N GLY B 193 13.88 17.10 24.87
CA GLY B 193 12.72 17.18 25.73
C GLY B 193 13.13 17.10 27.20
N ARG B 194 12.13 16.88 28.04
CA ARG B 194 12.30 16.90 29.49
C ARG B 194 12.59 15.53 30.07
N ALA B 195 12.20 14.45 29.40
CA ALA B 195 12.22 13.14 30.02
C ALA B 195 12.53 12.06 29.00
N GLN B 196 12.85 10.89 29.52
CA GLN B 196 13.03 9.66 28.76
C GLN B 196 11.91 8.68 29.11
N PHE B 197 11.58 7.80 28.16
CA PHE B 197 10.61 6.76 28.45
C PHE B 197 11.14 5.81 29.52
N THR B 198 10.22 5.20 30.25
CA THR B 198 10.59 4.25 31.31
C THR B 198 11.38 3.07 30.75
N LYS B 199 12.39 2.64 31.52
CA LYS B 199 13.14 1.43 31.19
C LYS B 199 12.30 0.21 31.60
N ARG B 200 11.99 -0.64 30.62
CA ARG B 200 11.07 -1.76 30.82
C ARG B 200 11.86 -3.04 31.09
N ALA B 201 11.50 -3.74 32.16
CA ALA B 201 12.20 -4.96 32.52
C ALA B 201 11.81 -6.10 31.60
N SER C 2 1.92 9.09 -13.64
CA SER C 2 3.13 8.27 -13.69
C SER C 2 4.06 8.78 -14.78
N VAL C 3 5.35 8.44 -14.67
CA VAL C 3 6.34 8.98 -15.60
C VAL C 3 6.10 8.47 -17.01
N GLN C 4 6.03 9.39 -17.97
CA GLN C 4 5.78 9.05 -19.36
C GLN C 4 6.83 9.69 -20.25
N PRO C 5 7.10 9.09 -21.39
CA PRO C 5 8.00 9.72 -22.37
C PRO C 5 7.34 10.94 -22.98
N GLY C 6 8.18 11.88 -23.43
CA GLY C 6 7.71 13.05 -24.13
C GLY C 6 7.17 14.17 -23.25
N VAL C 7 7.44 14.13 -21.94
CA VAL C 7 6.90 15.08 -20.99
C VAL C 7 8.06 15.66 -20.21
N THR C 8 8.06 16.98 -20.00
CA THR C 8 9.06 17.63 -19.16
C THR C 8 8.48 17.80 -17.77
N TYR C 9 9.13 17.20 -16.78
CA TYR C 9 8.73 17.31 -15.37
C TYR C 9 9.57 18.34 -14.66
N SER C 10 8.98 18.99 -13.67
CA SER C 10 9.65 19.97 -12.83
CA SER C 10 9.67 19.96 -12.83
C SER C 10 9.74 19.44 -11.41
N GLY C 11 10.84 19.71 -10.74
CA GLY C 11 10.97 19.32 -9.36
C GLY C 11 12.18 19.93 -8.74
N GLU C 12 12.65 19.29 -7.67
CA GLU C 12 13.85 19.73 -6.96
C GLU C 12 14.92 18.65 -7.01
N GLY C 13 16.15 19.09 -7.21
CA GLY C 13 17.30 18.20 -7.19
C GLY C 13 18.06 18.38 -5.88
N THR C 14 18.42 17.26 -5.27
CA THR C 14 19.28 17.19 -4.09
C THR C 14 20.35 16.16 -4.40
N PHE C 15 21.22 15.86 -3.43
CA PHE C 15 22.23 14.84 -3.66
C PHE C 15 22.49 14.01 -2.40
N TYR C 16 23.05 12.83 -2.63
CA TYR C 16 23.42 11.90 -1.58
C TYR C 16 24.65 11.11 -2.03
N GLY C 17 25.19 10.31 -1.11
CA GLY C 17 26.34 9.49 -1.40
C GLY C 17 26.01 8.21 -2.16
N ALA C 18 25.57 8.37 -3.40
CA ALA C 18 25.21 7.22 -4.22
C ALA C 18 26.46 6.47 -4.65
N THR C 19 26.39 5.15 -4.57
CA THR C 19 27.44 4.28 -5.11
C THR C 19 26.96 3.36 -6.21
N GLY C 20 25.66 3.31 -6.49
CA GLY C 20 25.09 2.36 -7.42
C GLY C 20 24.22 1.33 -6.76
N VAL C 21 24.49 1.01 -5.48
CA VAL C 21 23.61 0.12 -4.74
C VAL C 21 22.42 0.93 -4.25
N GLY C 22 21.29 0.24 -4.07
CA GLY C 22 20.08 0.95 -3.71
C GLY C 22 18.88 0.05 -3.89
N ASN C 23 17.71 0.69 -3.94
CA ASN C 23 16.44 -0.03 -3.97
C ASN C 23 16.27 -0.86 -5.23
N CYS C 24 16.99 -0.52 -6.31
CA CYS C 24 16.91 -1.31 -7.55
C CYS C 24 17.77 -2.57 -7.52
N LEU C 25 18.58 -2.76 -6.47
CA LEU C 25 19.40 -3.96 -6.35
C LEU C 25 20.38 -4.13 -7.51
N TYR C 26 20.88 -3.02 -8.02
CA TYR C 26 21.99 -3.07 -8.95
C TYR C 26 23.31 -3.10 -8.17
N ASP C 27 24.41 -3.32 -8.89
CA ASP C 27 25.70 -3.39 -8.23
C ASP C 27 26.36 -2.02 -8.17
N ALA C 28 27.34 -1.89 -7.28
CA ALA C 28 28.14 -0.68 -7.22
C ALA C 28 28.75 -0.42 -8.60
N THR C 29 28.85 0.86 -8.96
CA THR C 29 29.36 1.24 -10.27
C THR C 29 30.36 2.38 -10.11
N SER C 30 31.30 2.44 -11.05
CA SER C 30 32.19 3.59 -11.11
C SER C 30 31.58 4.77 -11.85
N ASP C 31 30.45 4.56 -12.53
CA ASP C 31 29.80 5.64 -13.26
C ASP C 31 29.13 6.59 -12.27
N ILE C 32 29.41 7.88 -12.41
CA ILE C 32 28.82 8.85 -11.49
C ILE C 32 27.42 9.29 -11.91
N ALA C 33 26.98 8.98 -13.13
CA ALA C 33 25.71 9.49 -13.66
C ALA C 33 24.55 8.61 -13.21
N ILE C 34 24.29 8.64 -11.90
CA ILE C 34 23.27 7.83 -11.26
C ILE C 34 22.47 8.70 -10.28
N ALA C 35 21.27 8.22 -9.94
CA ALA C 35 20.38 8.98 -9.08
C ALA C 35 19.33 8.08 -8.46
N ALA C 36 18.75 8.56 -7.36
CA ALA C 36 17.56 7.98 -6.75
C ALA C 36 16.35 8.79 -7.19
N LEU C 37 15.27 8.11 -7.53
CA LEU C 37 14.03 8.77 -7.94
C LEU C 37 13.05 8.79 -6.77
N ASN C 38 12.28 9.88 -6.67
CA ASN C 38 11.29 9.98 -5.60
C ASN C 38 10.33 8.79 -5.64
N HIS C 39 9.80 8.45 -4.45
CA HIS C 39 9.01 7.23 -4.28
C HIS C 39 7.86 7.14 -5.27
N THR C 40 7.11 8.23 -5.45
CA THR C 40 5.93 8.18 -6.30
C THR C 40 6.30 7.81 -7.74
N ASP C 41 7.29 8.49 -8.30
CA ASP C 41 7.67 8.27 -9.69
C ASP C 41 8.43 6.96 -9.85
N TYR C 42 9.14 6.53 -8.81
CA TYR C 42 9.81 5.22 -8.80
C TYR C 42 8.83 4.10 -9.15
N ASP C 43 7.63 4.14 -8.58
CA ASP C 43 6.49 3.34 -9.04
C ASP C 43 6.76 1.83 -8.97
N ASN C 44 7.07 1.35 -7.77
CA ASN C 44 7.29 -0.09 -7.56
C ASN C 44 8.33 -0.65 -8.52
N ALA C 45 9.41 0.10 -8.70
CA ALA C 45 10.56 -0.27 -9.53
C ALA C 45 10.32 -0.16 -11.03
N ARG C 46 9.15 0.35 -11.45
CA ARG C 46 8.93 0.50 -12.89
C ARG C 46 9.98 1.41 -13.51
N MET C 47 10.49 2.38 -12.74
CA MET C 47 11.50 3.30 -13.24
C MET C 47 12.92 2.88 -12.92
N CYS C 48 13.11 1.69 -12.34
CA CYS C 48 14.48 1.22 -12.13
C CYS C 48 15.21 1.12 -13.47
N GLY C 49 16.41 1.67 -13.52
CA GLY C 49 17.19 1.66 -14.73
C GLY C 49 16.77 2.65 -15.79
N ALA C 50 15.75 3.45 -15.53
CA ALA C 50 15.37 4.50 -16.45
C ALA C 50 16.51 5.50 -16.61
N PHE C 51 16.68 6.02 -17.82
CA PHE C 51 17.57 7.14 -18.06
C PHE C 51 16.74 8.41 -18.14
N ILE C 52 17.08 9.40 -17.33
CA ILE C 52 16.43 10.70 -17.35
C ILE C 52 17.47 11.78 -17.57
N ARG C 53 17.15 12.75 -18.42
CA ARG C 53 18.04 13.87 -18.65
C ARG C 53 17.62 15.02 -17.74
N VAL C 54 18.50 15.39 -16.81
CA VAL C 54 18.18 16.35 -15.76
C VAL C 54 18.90 17.66 -16.06
N LYS C 55 18.15 18.75 -16.09
CA LYS C 55 18.69 20.09 -16.25
C LYS C 55 18.61 20.81 -14.91
N GLY C 56 19.75 21.28 -14.42
CA GLY C 56 19.81 22.11 -13.24
C GLY C 56 20.26 23.50 -13.60
N PRO C 57 20.57 24.31 -12.59
CA PRO C 57 20.94 25.72 -12.86
C PRO C 57 22.26 25.89 -13.58
N ARG C 58 23.16 24.91 -13.53
CA ARG C 58 24.50 25.08 -14.09
C ARG C 58 24.87 24.03 -15.15
N GLY C 59 23.97 23.13 -15.49
CA GLY C 59 24.29 22.15 -16.51
C GLY C 59 23.18 21.14 -16.67
N GLU C 60 23.41 20.18 -17.57
CA GLU C 60 22.46 19.13 -17.88
C GLU C 60 23.21 17.82 -17.98
N LEU C 61 22.59 16.74 -17.50
CA LEU C 61 23.25 15.45 -17.45
C LEU C 61 22.19 14.36 -17.49
N THR C 62 22.45 13.32 -18.29
CA THR C 62 21.60 12.14 -18.27
C THR C 62 22.08 11.18 -17.20
N VAL C 63 21.17 10.76 -16.32
CA VAL C 63 21.50 9.85 -15.23
C VAL C 63 20.62 8.62 -15.32
N ARG C 64 21.08 7.54 -14.71
CA ARG C 64 20.32 6.30 -14.60
C ARG C 64 19.76 6.17 -13.20
N ILE C 65 18.49 5.77 -13.10
CA ILE C 65 17.82 5.57 -11.82
C ILE C 65 18.29 4.24 -11.22
N VAL C 66 18.85 4.29 -10.02
CA VAL C 66 19.35 3.10 -9.34
C VAL C 66 18.77 2.93 -7.95
N ASP C 67 17.93 3.86 -7.50
CA ASP C 67 17.55 3.89 -6.10
C ASP C 67 16.25 4.69 -5.99
N ARG C 68 15.69 4.67 -4.79
CA ARG C 68 14.41 5.30 -4.47
C ARG C 68 14.64 6.26 -3.31
N CYS C 69 14.03 7.46 -3.38
CA CYS C 69 14.11 8.44 -2.31
C CYS C 69 12.74 8.58 -1.65
N PRO C 70 12.55 8.06 -0.43
CA PRO C 70 11.20 8.07 0.16
C PRO C 70 10.69 9.45 0.54
N GLU C 71 11.57 10.38 0.91
CA GLU C 71 11.09 11.69 1.36
C GLU C 71 10.97 12.69 0.23
N CYS C 72 11.43 12.35 -0.98
CA CYS C 72 11.35 13.25 -2.11
C CYS C 72 9.94 13.25 -2.68
N ARG C 73 9.49 14.41 -3.18
CA ARG C 73 8.15 14.59 -3.70
C ARG C 73 8.11 14.23 -5.18
N PRO C 74 6.91 14.05 -5.76
CA PRO C 74 6.83 13.85 -7.21
C PRO C 74 7.59 14.92 -7.97
N GLY C 75 8.33 14.49 -8.98
CA GLY C 75 9.20 15.37 -9.73
C GLY C 75 10.60 15.51 -9.19
N ASP C 76 10.86 15.07 -7.96
CA ASP C 76 12.16 15.28 -7.33
C ASP C 76 13.13 14.15 -7.67
N VAL C 77 14.41 14.51 -7.76
CA VAL C 77 15.49 13.56 -8.03
C VAL C 77 16.61 13.80 -7.01
N ASP C 78 17.08 12.74 -6.38
CA ASP C 78 18.20 12.79 -5.44
C ASP C 78 19.42 12.23 -6.18
N LEU C 79 20.23 13.12 -6.76
CA LEU C 79 21.34 12.69 -7.59
C LEU C 79 22.52 12.22 -6.75
N GLY C 80 23.38 11.41 -7.36
CA GLY C 80 24.69 11.20 -6.78
C GLY C 80 25.45 12.51 -6.64
N GLN C 81 26.39 12.54 -5.69
CA GLN C 81 27.06 13.80 -5.36
C GLN C 81 27.77 14.40 -6.58
N GLN C 82 28.49 13.56 -7.33
CA GLN C 82 29.24 14.05 -8.47
C GLN C 82 28.32 14.39 -9.62
N ALA C 83 27.22 13.66 -9.79
CA ALA C 83 26.22 14.02 -10.79
C ALA C 83 25.62 15.38 -10.49
N PHE C 84 25.26 15.62 -9.23
CA PHE C 84 24.73 16.93 -8.83
C PHE C 84 25.72 18.04 -9.15
N ALA C 85 27.01 17.79 -8.91
CA ALA C 85 28.01 18.83 -9.13
C ALA C 85 28.15 19.22 -10.61
N ARG C 86 27.64 18.38 -11.53
CA ARG C 86 27.62 18.71 -12.94
C ARG C 86 26.51 19.69 -13.31
N ILE C 87 25.46 19.76 -12.50
CA ILE C 87 24.30 20.60 -12.83
C ILE C 87 24.09 21.71 -11.83
N ALA C 88 24.87 21.78 -10.76
CA ALA C 88 24.62 22.76 -9.71
C ALA C 88 25.81 22.81 -8.77
N ASP C 89 25.90 23.89 -7.99
CA ASP C 89 26.92 24.02 -6.97
C ASP C 89 26.51 23.18 -5.77
N PRO C 90 27.33 22.22 -5.32
CA PRO C 90 26.96 21.41 -4.15
C PRO C 90 26.57 22.21 -2.91
N VAL C 91 27.16 23.38 -2.70
CA VAL C 91 26.81 24.19 -1.54
C VAL C 91 25.34 24.63 -1.58
N ALA C 92 24.73 24.64 -2.76
CA ALA C 92 23.33 25.04 -2.86
C ALA C 92 22.42 24.01 -2.21
N GLY C 93 22.79 22.74 -2.25
CA GLY C 93 22.05 21.67 -1.56
C GLY C 93 20.78 21.21 -2.24
N ARG C 94 19.93 22.16 -2.64
CA ARG C 94 18.63 21.88 -3.22
C ARG C 94 18.38 22.93 -4.29
N VAL C 95 18.10 22.49 -5.52
CA VAL C 95 17.99 23.38 -6.66
C VAL C 95 16.78 22.97 -7.50
N PRO C 96 16.22 23.92 -8.27
CA PRO C 96 15.17 23.56 -9.22
C PRO C 96 15.75 22.75 -10.37
N ILE C 97 15.01 21.74 -10.82
CA ILE C 97 15.40 20.92 -11.96
C ILE C 97 14.20 20.74 -12.88
N THR C 98 14.50 20.46 -14.15
CA THR C 98 13.53 19.88 -15.07
C THR C 98 14.14 18.63 -15.68
N TRP C 99 13.29 17.67 -16.05
CA TRP C 99 13.85 16.44 -16.58
C TRP C 99 12.85 15.73 -17.48
N THR C 100 13.38 14.84 -18.32
CA THR C 100 12.58 14.04 -19.23
CA THR C 100 12.56 14.03 -19.20
C THR C 100 13.12 12.62 -19.26
N LEU C 101 12.25 11.67 -19.59
CA LEU C 101 12.65 10.28 -19.74
C LEU C 101 13.18 10.08 -21.15
N VAL C 102 14.41 9.58 -21.27
CA VAL C 102 15.09 9.48 -22.56
C VAL C 102 15.38 8.03 -22.93
N SER C 103 15.64 7.81 -24.21
CA SER C 103 15.96 6.51 -24.78
C SER C 103 17.34 6.68 -25.39
N PRO C 104 18.41 6.49 -24.62
CA PRO C 104 19.73 6.92 -25.06
C PRO C 104 20.51 5.84 -25.82
N ASP C 105 21.72 6.19 -26.26
CA ASP C 105 22.65 5.20 -26.76
C ASP C 105 23.02 4.24 -25.64
N LEU C 106 23.04 2.95 -25.97
CA LEU C 106 23.41 1.91 -25.01
C LEU C 106 23.75 0.67 -25.82
N ALA C 107 24.92 0.10 -25.59
CA ALA C 107 25.40 -1.01 -26.40
C ALA C 107 25.06 -2.35 -25.76
N GLY C 108 24.94 -3.36 -26.60
CA GLY C 108 24.68 -4.71 -26.15
C GLY C 108 23.21 -4.99 -25.96
N PRO C 109 22.87 -6.25 -25.75
CA PRO C 109 21.47 -6.63 -25.52
C PRO C 109 21.10 -6.49 -24.05
N VAL C 110 19.81 -6.69 -23.77
CA VAL C 110 19.42 -6.83 -22.36
C VAL C 110 20.08 -8.08 -21.78
N SER C 111 20.14 -8.13 -20.45
CA SER C 111 20.62 -9.31 -19.76
CA SER C 111 20.66 -9.28 -19.72
C SER C 111 19.69 -9.64 -18.61
N TYR C 112 19.82 -10.87 -18.10
CA TYR C 112 18.99 -11.39 -17.02
C TYR C 112 19.85 -11.92 -15.90
N ARG C 113 19.40 -11.72 -14.66
CA ARG C 113 20.11 -12.21 -13.49
C ARG C 113 19.12 -12.91 -12.57
N TYR C 114 19.34 -14.20 -12.33
CA TYR C 114 18.56 -14.92 -11.33
C TYR C 114 19.01 -14.53 -9.92
N LYS C 115 18.04 -14.33 -9.03
CA LYS C 115 18.34 -13.93 -7.66
C LYS C 115 18.99 -15.08 -6.89
N GLU C 116 19.83 -14.72 -5.93
CA GLU C 116 20.38 -15.68 -4.98
C GLU C 116 19.29 -16.61 -4.48
N GLY C 117 19.59 -17.90 -4.45
CA GLY C 117 18.65 -18.89 -3.95
C GLY C 117 17.61 -19.36 -4.93
N SER C 118 17.63 -18.88 -6.18
CA SER C 118 16.69 -19.35 -7.18
C SER C 118 16.89 -20.82 -7.50
N THR C 119 15.78 -21.55 -7.59
CA THR C 119 15.76 -22.98 -7.89
C THR C 119 14.51 -23.26 -8.71
N GLN C 120 14.27 -24.55 -8.97
CA GLN C 120 13.03 -24.95 -9.61
C GLN C 120 11.80 -24.71 -8.74
N TRP C 121 11.99 -24.45 -7.45
CA TRP C 121 10.88 -24.28 -6.51
C TRP C 121 10.56 -22.83 -6.20
N TRP C 122 11.43 -21.89 -6.59
CA TRP C 122 11.24 -20.48 -6.30
C TRP C 122 12.32 -19.74 -7.06
N CYS C 123 11.97 -18.62 -7.68
CA CYS C 123 13.02 -17.83 -8.31
C CYS C 123 12.63 -16.37 -8.41
N GLY C 124 13.63 -15.55 -8.66
CA GLY C 124 13.41 -14.17 -9.07
C GLY C 124 14.39 -13.81 -10.16
N ILE C 125 13.97 -12.92 -11.06
CA ILE C 125 14.76 -12.52 -12.21
C ILE C 125 14.81 -11.00 -12.27
N GLN C 126 16.00 -10.45 -12.44
CA GLN C 126 16.18 -9.03 -12.66
C GLN C 126 16.66 -8.80 -14.08
N VAL C 127 16.14 -7.77 -14.72
CA VAL C 127 16.58 -7.39 -16.07
C VAL C 127 17.66 -6.32 -15.94
N ARG C 128 18.72 -6.45 -16.73
CA ARG C 128 19.80 -5.48 -16.72
C ARG C 128 20.08 -5.03 -18.15
N ASN C 129 20.76 -3.89 -18.25
CA ASN C 129 21.15 -3.30 -19.54
C ASN C 129 19.96 -3.10 -20.47
N HIS C 130 18.88 -2.54 -19.97
CA HIS C 130 17.72 -2.24 -20.81
C HIS C 130 17.69 -0.75 -21.17
N ARG C 131 17.54 -0.47 -22.47
CA ARG C 131 17.62 0.92 -22.93
C ARG C 131 16.45 1.76 -22.44
N ASN C 132 15.27 1.17 -22.35
CA ASN C 132 14.04 1.83 -21.94
C ASN C 132 13.51 1.11 -20.72
N PRO C 133 12.68 1.75 -19.90
CA PRO C 133 12.16 1.07 -18.71
C PRO C 133 11.36 -0.16 -19.08
N VAL C 134 11.47 -1.20 -18.25
CA VAL C 134 10.73 -2.44 -18.43
C VAL C 134 9.36 -2.31 -17.78
N ALA C 135 8.32 -2.76 -18.48
CA ALA C 135 6.98 -2.80 -17.91
C ALA C 135 6.66 -4.16 -17.29
N THR C 136 6.91 -5.25 -18.03
CA THR C 136 6.53 -6.58 -17.56
C THR C 136 7.59 -7.60 -17.92
N LEU C 137 7.58 -8.70 -17.17
CA LEU C 137 8.38 -9.87 -17.46
C LEU C 137 7.51 -11.10 -17.31
N GLU C 138 7.65 -12.03 -18.24
CA GLU C 138 6.92 -13.29 -18.21
C GLU C 138 7.89 -14.44 -18.43
N VAL C 139 7.51 -15.61 -17.92
CA VAL C 139 8.22 -16.86 -18.15
C VAL C 139 7.27 -17.84 -18.80
N ARG C 140 7.81 -18.71 -19.65
CA ARG C 140 6.97 -19.64 -20.39
C ARG C 140 6.63 -20.85 -19.56
N THR C 141 5.34 -21.18 -19.51
CA THR C 141 4.81 -22.35 -18.80
C THR C 141 4.10 -23.21 -19.84
N GLY C 142 4.85 -24.09 -20.50
CA GLY C 142 4.25 -24.93 -21.51
C GLY C 142 3.78 -24.13 -22.72
N THR C 143 2.50 -24.21 -23.06
CA THR C 143 2.00 -23.48 -24.22
C THR C 143 1.56 -22.07 -23.89
N THR C 144 1.66 -21.66 -22.63
CA THR C 144 1.23 -20.32 -22.23
C THR C 144 2.40 -19.63 -21.53
N TRP C 145 2.15 -18.40 -21.09
CA TRP C 145 3.14 -17.59 -20.41
C TRP C 145 2.55 -17.08 -19.11
N ARG C 146 3.40 -16.83 -18.14
CA ARG C 146 2.99 -16.37 -16.82
C ARG C 146 3.71 -15.08 -16.48
N GLN C 147 2.95 -14.03 -16.18
CA GLN C 147 3.56 -12.80 -15.71
CA GLN C 147 3.52 -12.79 -15.69
C GLN C 147 4.12 -13.00 -14.30
N LEU C 148 5.32 -12.52 -14.10
CA LEU C 148 5.91 -12.55 -12.76
C LEU C 148 5.82 -11.16 -12.16
N PRO C 149 5.25 -11.01 -10.96
CA PRO C 149 5.09 -9.67 -10.39
C PRO C 149 6.44 -9.07 -10.01
N ARG C 150 6.61 -7.80 -10.37
CA ARG C 150 7.81 -7.06 -9.99
C ARG C 150 7.69 -6.62 -8.54
N GLN C 151 8.74 -6.84 -7.78
CA GLN C 151 8.78 -6.35 -6.41
C GLN C 151 9.48 -4.98 -6.38
N GLU C 152 9.30 -4.25 -5.28
CA GLU C 152 9.92 -2.93 -5.20
C GLU C 152 11.44 -3.01 -5.26
N TYR C 153 12.01 -4.16 -4.92
CA TYR C 153 13.45 -4.39 -4.99
C TYR C 153 13.88 -4.88 -6.36
N ASN C 154 12.99 -4.79 -7.35
CA ASN C 154 13.40 -4.83 -8.75
C ASN C 154 13.82 -6.23 -9.20
N TYR C 155 13.22 -7.26 -8.62
CA TYR C 155 13.21 -8.60 -9.20
C TYR C 155 11.76 -8.99 -9.46
N PHE C 156 11.55 -9.74 -10.54
CA PHE C 156 10.25 -10.32 -10.87
C PHE C 156 10.25 -11.75 -10.33
N VAL C 157 9.30 -12.08 -9.47
CA VAL C 157 9.39 -13.29 -8.64
C VAL C 157 8.35 -14.32 -9.05
N SER C 158 8.78 -15.58 -9.17
CA SER C 158 7.89 -16.73 -9.30
C SER C 158 7.88 -17.45 -7.97
N ALA C 159 6.80 -17.26 -7.20
CA ALA C 159 6.78 -17.70 -5.81
C ALA C 159 6.78 -19.22 -5.67
N ASP C 160 6.27 -19.94 -6.67
CA ASP C 160 6.19 -21.39 -6.60
C ASP C 160 7.14 -22.08 -7.58
N GLY C 161 8.02 -21.31 -8.25
CA GLY C 161 8.99 -21.88 -9.15
C GLY C 161 8.51 -22.09 -10.58
N ALA C 162 7.22 -21.88 -10.86
CA ALA C 162 6.71 -22.10 -12.21
C ALA C 162 7.43 -21.21 -13.20
N GLY C 163 7.89 -21.79 -14.30
CA GLY C 163 8.59 -21.05 -15.33
C GLY C 163 10.05 -20.77 -15.03
N CYS C 164 10.53 -21.06 -13.82
CA CYS C 164 11.93 -20.82 -13.51
C CYS C 164 12.81 -21.71 -14.38
N GLY C 165 13.78 -21.09 -15.04
CA GLY C 165 14.63 -21.80 -15.98
C GLY C 165 14.06 -21.93 -17.38
N SER C 166 12.90 -21.34 -17.66
CA SER C 166 12.24 -21.48 -18.94
C SER C 166 12.55 -20.27 -19.83
N ASP C 167 11.84 -20.14 -20.95
CA ASP C 167 11.97 -18.96 -21.78
C ASP C 167 11.45 -17.74 -21.02
N ILE C 168 12.05 -16.59 -21.29
CA ILE C 168 11.70 -15.32 -20.65
C ILE C 168 11.33 -14.32 -21.73
N ARG C 169 10.37 -13.44 -21.44
CA ARG C 169 10.13 -12.33 -22.35
C ARG C 169 9.81 -11.07 -21.55
N VAL C 170 10.35 -9.94 -22.03
CA VAL C 170 10.20 -8.67 -21.34
C VAL C 170 9.59 -7.65 -22.31
N LYS C 171 8.71 -6.83 -21.77
CA LYS C 171 8.03 -5.80 -22.56
C LYS C 171 8.38 -4.46 -21.95
N ASP C 172 8.85 -3.52 -22.77
CA ASP C 172 9.21 -2.21 -22.25
C ASP C 172 7.97 -1.33 -22.21
N ILE C 173 8.15 -0.10 -21.71
CA ILE C 173 7.01 0.82 -21.55
C ILE C 173 6.46 1.30 -22.88
N HIS C 174 7.20 1.12 -23.98
CA HIS C 174 6.72 1.48 -25.30
C HIS C 174 5.91 0.38 -25.95
N GLY C 175 5.79 -0.79 -25.29
CA GLY C 175 4.99 -1.88 -25.81
C GLY C 175 5.75 -2.91 -26.63
N GLN C 176 7.09 -2.86 -26.65
CA GLN C 176 7.90 -3.81 -27.41
C GLN C 176 8.27 -5.01 -26.56
N THR C 177 8.06 -6.21 -27.08
CA THR C 177 8.37 -7.45 -26.37
C THR C 177 9.59 -8.13 -26.98
N LEU C 178 10.58 -8.44 -26.13
CA LEU C 178 11.76 -9.22 -26.50
C LEU C 178 11.66 -10.59 -25.85
N THR C 179 11.87 -11.64 -26.63
CA THR C 179 11.77 -13.01 -26.13
C THR C 179 13.15 -13.66 -26.14
N ASP C 180 13.48 -14.34 -25.05
CA ASP C 180 14.81 -14.91 -24.88
C ASP C 180 14.73 -16.36 -24.44
N THR C 181 15.41 -17.23 -25.18
CA THR C 181 15.55 -18.63 -24.85
C THR C 181 16.98 -18.91 -24.41
N GLY C 182 17.18 -20.03 -23.72
CA GLY C 182 18.52 -20.42 -23.35
C GLY C 182 19.13 -19.68 -22.18
N ILE C 183 18.36 -18.92 -21.40
CA ILE C 183 18.85 -18.38 -20.15
C ILE C 183 18.79 -19.48 -19.10
N ALA C 184 19.94 -19.80 -18.50
CA ALA C 184 20.03 -20.88 -17.54
C ALA C 184 19.55 -20.44 -16.17
N LEU C 185 19.11 -21.41 -15.37
CA LEU C 185 18.69 -21.13 -13.99
C LEU C 185 19.95 -21.13 -13.12
N THR C 186 20.68 -20.02 -13.19
CA THR C 186 21.99 -19.88 -12.55
C THR C 186 22.01 -18.60 -11.74
N PRO C 187 21.89 -18.68 -10.41
CA PRO C 187 21.86 -17.44 -9.61
C PRO C 187 23.15 -16.63 -9.75
N ASN C 188 23.00 -15.32 -9.63
CA ASN C 188 24.10 -14.39 -9.40
C ASN C 188 25.03 -14.19 -10.60
N VAL C 189 24.56 -14.49 -11.81
CA VAL C 189 25.31 -14.25 -13.04
C VAL C 189 24.44 -13.47 -14.00
N ASP C 190 25.01 -12.46 -14.65
CA ASP C 190 24.28 -11.70 -15.66
C ASP C 190 24.42 -12.42 -17.00
N GLN C 191 23.28 -12.83 -17.56
CA GLN C 191 23.27 -13.61 -18.80
C GLN C 191 22.69 -12.77 -19.92
N PRO C 192 23.42 -12.50 -20.99
CA PRO C 192 22.89 -11.67 -22.06
C PRO C 192 21.78 -12.38 -22.85
N GLY C 193 20.76 -11.62 -23.20
CA GLY C 193 19.79 -12.04 -24.20
C GLY C 193 20.31 -11.78 -25.60
N ARG C 194 19.41 -11.76 -26.56
CA ARG C 194 19.84 -11.60 -27.93
C ARG C 194 19.40 -10.29 -28.58
N ALA C 195 18.71 -9.42 -27.85
CA ALA C 195 18.18 -8.20 -28.42
C ALA C 195 18.18 -7.07 -27.39
N GLN C 196 18.16 -5.86 -27.89
CA GLN C 196 17.97 -4.64 -27.12
C GLN C 196 16.65 -3.99 -27.54
N PHE C 197 16.07 -3.21 -26.63
CA PHE C 197 14.89 -2.45 -27.00
C PHE C 197 15.25 -1.34 -27.99
N THR C 198 14.30 -0.99 -28.85
CA THR C 198 14.51 0.01 -29.87
C THR C 198 14.84 1.37 -29.26
N LYS C 199 15.79 2.07 -29.88
CA LYS C 199 16.06 3.46 -29.51
C LYS C 199 14.94 4.35 -30.06
N ARG C 200 14.21 4.99 -29.16
CA ARG C 200 13.02 5.73 -29.53
C ARG C 200 13.33 7.19 -29.76
N SER D 2 -5.23 14.43 5.27
CA SER D 2 -6.21 13.63 6.00
C SER D 2 -7.31 14.52 6.57
N VAL D 3 -8.50 13.93 6.76
CA VAL D 3 -9.65 14.68 7.25
C VAL D 3 -9.40 15.18 8.66
N GLN D 4 -9.64 16.47 8.86
CA GLN D 4 -9.37 17.13 10.14
C GLN D 4 -10.62 17.90 10.57
N PRO D 5 -10.84 18.02 11.87
CA PRO D 5 -11.94 18.86 12.35
C PRO D 5 -11.68 20.32 12.05
N GLY D 6 -12.77 21.07 11.90
CA GLY D 6 -12.68 22.50 11.66
C GLY D 6 -12.35 22.91 10.24
N VAL D 7 -12.41 21.99 9.29
CA VAL D 7 -12.02 22.27 7.91
C VAL D 7 -13.21 21.93 7.01
N THR D 8 -13.51 22.82 6.06
CA THR D 8 -14.56 22.58 5.08
C THR D 8 -13.93 22.02 3.82
N TYR D 9 -14.36 20.83 3.43
CA TYR D 9 -13.87 20.18 2.22
C TYR D 9 -14.88 20.35 1.09
N SER D 10 -14.36 20.42 -0.14
CA SER D 10 -15.18 20.49 -1.33
C SER D 10 -15.02 19.22 -2.15
N GLY D 11 -16.10 18.79 -2.79
CA GLY D 11 -16.01 17.63 -3.65
C GLY D 11 -17.31 17.43 -4.39
N GLU D 12 -17.55 16.17 -4.77
CA GLU D 12 -18.75 15.80 -5.50
C GLU D 12 -19.56 14.76 -4.73
N GLY D 13 -20.88 14.95 -4.72
CA GLY D 13 -21.79 14.01 -4.11
C GLY D 13 -22.46 13.16 -5.16
N THR D 14 -22.50 11.86 -4.90
CA THR D 14 -23.24 10.90 -5.70
C THR D 14 -24.08 10.06 -4.77
N PHE D 15 -24.79 9.06 -5.30
CA PHE D 15 -25.54 8.18 -4.41
C PHE D 15 -25.48 6.73 -4.87
N TYR D 16 -25.76 5.84 -3.91
CA TYR D 16 -25.81 4.41 -4.16
C TYR D 16 -26.84 3.78 -3.23
N GLY D 17 -27.06 2.48 -3.41
CA GLY D 17 -28.03 1.75 -2.60
C GLY D 17 -27.50 1.33 -1.24
N ALA D 18 -27.19 2.31 -0.40
CA ALA D 18 -26.63 2.01 0.91
C ALA D 18 -27.68 1.38 1.81
N THR D 19 -27.27 0.37 2.58
CA THR D 19 -28.11 -0.26 3.59
C THR D 19 -27.53 -0.18 5.00
N GLY D 20 -26.30 0.31 5.16
CA GLY D 20 -25.59 0.27 6.42
C GLY D 20 -24.46 -0.74 6.45
N VAL D 21 -24.55 -1.80 5.66
CA VAL D 21 -23.42 -2.71 5.52
C VAL D 21 -22.42 -2.12 4.54
N GLY D 22 -21.17 -2.49 4.74
CA GLY D 22 -20.13 -1.92 3.91
C GLY D 22 -18.77 -2.18 4.54
N ASN D 23 -17.80 -1.38 4.07
CA ASN D 23 -16.41 -1.62 4.42
C ASN D 23 -16.15 -1.43 5.90
N CYS D 24 -17.01 -0.68 6.61
CA CYS D 24 -16.83 -0.49 8.04
C CYS D 24 -17.36 -1.65 8.88
N LEU D 25 -18.03 -2.63 8.27
CA LEU D 25 -18.52 -3.80 8.98
C LEU D 25 -19.50 -3.46 10.09
N TYR D 26 -20.29 -2.41 9.87
CA TYR D 26 -21.44 -2.15 10.72
C TYR D 26 -22.63 -2.96 10.22
N ASP D 27 -23.68 -2.99 11.04
CA ASP D 27 -24.88 -3.73 10.67
C ASP D 27 -25.82 -2.89 9.82
N ALA D 28 -26.72 -3.57 9.12
CA ALA D 28 -27.77 -2.86 8.39
C ALA D 28 -28.55 -1.99 9.36
N THR D 29 -28.95 -0.80 8.89
CA THR D 29 -29.65 0.15 9.72
C THR D 29 -30.87 0.68 8.99
N SER D 30 -31.89 1.07 9.76
CA SER D 30 -33.06 1.72 9.18
C SER D 30 -32.83 3.22 8.98
N ASP D 31 -31.74 3.76 9.53
CA ASP D 31 -31.44 5.17 9.40
C ASP D 31 -30.92 5.46 7.99
N ILE D 32 -31.51 6.47 7.34
CA ILE D 32 -31.09 6.80 5.98
C ILE D 32 -29.86 7.71 5.92
N ALA D 33 -29.48 8.33 7.04
CA ALA D 33 -28.42 9.35 7.03
C ALA D 33 -27.05 8.69 7.10
N ILE D 34 -26.70 8.00 6.02
CA ILE D 34 -25.46 7.23 5.92
C ILE D 34 -24.82 7.47 4.57
N ALA D 35 -23.51 7.18 4.49
CA ALA D 35 -22.75 7.45 3.28
C ALA D 35 -21.47 6.62 3.24
N ALA D 36 -20.95 6.44 2.04
CA ALA D 36 -19.62 5.92 1.82
C ALA D 36 -18.67 7.10 1.56
N LEU D 37 -17.48 7.02 2.13
CA LEU D 37 -16.48 8.07 1.95
C LEU D 37 -15.43 7.60 0.94
N ASN D 38 -14.94 8.52 0.13
CA ASN D 38 -13.90 8.20 -0.85
C ASN D 38 -12.71 7.53 -0.16
N HIS D 39 -12.05 6.64 -0.91
CA HIS D 39 -10.97 5.81 -0.36
C HIS D 39 -9.92 6.64 0.37
N THR D 40 -9.46 7.73 -0.23
CA THR D 40 -8.37 8.50 0.37
C THR D 40 -8.76 9.00 1.76
N ASP D 41 -9.93 9.63 1.87
CA ASP D 41 -10.36 10.22 3.13
C ASP D 41 -10.79 9.16 4.13
N TYR D 42 -11.29 8.02 3.63
CA TYR D 42 -11.63 6.88 4.50
C TYR D 42 -10.45 6.48 5.37
N ASP D 43 -9.25 6.46 4.80
CA ASP D 43 -8.00 6.43 5.56
C ASP D 43 -7.88 5.18 6.44
N ASN D 44 -7.98 4.01 5.80
CA ASN D 44 -7.81 2.74 6.51
C ASN D 44 -8.74 2.65 7.71
N ALA D 45 -9.99 3.04 7.51
CA ALA D 45 -11.09 3.00 8.48
C ALA D 45 -10.99 4.08 9.55
N ARG D 46 -10.04 5.00 9.48
CA ARG D 46 -9.98 6.05 10.49
C ARG D 46 -11.26 6.88 10.50
N MET D 47 -11.92 7.01 9.35
CA MET D 47 -13.17 7.76 9.28
C MET D 47 -14.41 6.90 9.39
N CYS D 48 -14.28 5.61 9.69
CA CYS D 48 -15.47 4.81 9.93
C CYS D 48 -16.24 5.37 11.10
N GLY D 49 -17.55 5.54 10.93
CA GLY D 49 -18.37 6.07 11.99
C GLY D 49 -18.29 7.55 12.18
N ALA D 50 -17.50 8.25 11.36
CA ALA D 50 -17.45 9.70 11.44
C ALA D 50 -18.79 10.29 11.03
N PHE D 51 -19.18 11.38 11.68
CA PHE D 51 -20.33 12.16 11.27
C PHE D 51 -19.82 13.35 10.49
N ILE D 52 -20.34 13.53 9.27
CA ILE D 52 -20.00 14.69 8.45
C ILE D 52 -21.30 15.39 8.05
N ARG D 53 -21.28 16.72 8.08
CA ARG D 53 -22.43 17.50 7.65
C ARG D 53 -22.19 17.89 6.20
N VAL D 54 -23.07 17.44 5.30
CA VAL D 54 -22.88 17.60 3.87
C VAL D 54 -23.88 18.63 3.35
N LYS D 55 -23.37 19.63 2.63
CA LYS D 55 -24.19 20.66 2.02
C LYS D 55 -24.23 20.43 0.51
N GLY D 56 -25.43 20.34 -0.04
CA GLY D 56 -25.62 20.21 -1.46
C GLY D 56 -26.46 21.36 -1.99
N PRO D 57 -26.81 21.30 -3.28
CA PRO D 57 -27.57 22.41 -3.87
C PRO D 57 -28.92 22.66 -3.24
N ARG D 58 -29.55 21.65 -2.65
CA ARG D 58 -30.92 21.77 -2.14
C ARG D 58 -31.05 21.69 -0.63
N GLY D 59 -29.98 21.42 0.10
CA GLY D 59 -30.07 21.37 1.54
C GLY D 59 -28.81 20.76 2.13
N GLU D 60 -28.86 20.53 3.45
CA GLU D 60 -27.75 19.92 4.17
C GLU D 60 -28.24 18.82 5.10
N LEU D 61 -27.36 17.87 5.36
CA LEU D 61 -27.70 16.70 6.15
C LEU D 61 -26.43 16.18 6.79
N THR D 62 -26.50 15.83 8.07
CA THR D 62 -25.41 15.14 8.73
C THR D 62 -25.58 13.64 8.50
N VAL D 63 -24.53 13.00 8.00
CA VAL D 63 -24.55 11.58 7.71
C VAL D 63 -23.40 10.90 8.45
N ARG D 64 -23.57 9.60 8.68
CA ARG D 64 -22.53 8.78 9.30
C ARG D 64 -21.84 7.96 8.22
N ILE D 65 -20.50 7.91 8.27
CA ILE D 65 -19.73 7.10 7.32
C ILE D 65 -19.81 5.63 7.71
N VAL D 66 -20.26 4.80 6.77
CA VAL D 66 -20.41 3.36 7.00
C VAL D 66 -19.69 2.53 5.94
N ASP D 67 -19.04 3.15 4.98
CA ASP D 67 -18.58 2.41 3.81
C ASP D 67 -17.50 3.24 3.14
N ARG D 68 -16.86 2.63 2.15
CA ARG D 68 -15.75 3.20 1.39
C ARG D 68 -16.11 3.18 -0.09
N CYS D 69 -15.81 4.25 -0.81
CA CYS D 69 -16.03 4.32 -2.25
C CYS D 69 -14.68 4.33 -2.95
N PRO D 70 -14.28 3.24 -3.61
CA PRO D 70 -12.93 3.20 -4.18
C PRO D 70 -12.72 4.13 -5.37
N GLU D 71 -13.77 4.40 -6.15
CA GLU D 71 -13.58 5.22 -7.35
C GLU D 71 -13.78 6.70 -7.10
N CYS D 72 -14.26 7.09 -5.93
CA CYS D 72 -14.46 8.49 -5.59
C CYS D 72 -13.12 9.14 -5.27
N ARG D 73 -13.00 10.43 -5.60
CA ARG D 73 -11.78 11.20 -5.40
C ARG D 73 -11.77 11.83 -4.01
N PRO D 74 -10.62 12.33 -3.56
CA PRO D 74 -10.60 13.08 -2.30
C PRO D 74 -11.64 14.18 -2.28
N GLY D 75 -12.37 14.28 -1.17
CA GLY D 75 -13.46 15.23 -1.05
C GLY D 75 -14.81 14.70 -1.46
N ASP D 76 -14.88 13.55 -2.12
CA ASP D 76 -16.13 13.03 -2.64
C ASP D 76 -16.84 12.17 -1.60
N VAL D 77 -18.17 12.20 -1.64
CA VAL D 77 -19.02 11.41 -0.75
C VAL D 77 -20.09 10.74 -1.61
N ASP D 78 -20.26 9.42 -1.40
CA ASP D 78 -21.28 8.63 -2.08
C ASP D 78 -22.39 8.37 -1.06
N LEU D 79 -23.42 9.20 -1.09
CA LEU D 79 -24.46 9.14 -0.07
C LEU D 79 -25.45 8.02 -0.35
N GLY D 80 -26.14 7.57 0.68
CA GLY D 80 -27.32 6.74 0.46
C GLY D 80 -28.34 7.46 -0.39
N GLN D 81 -29.20 6.68 -1.05
CA GLN D 81 -30.13 7.27 -2.01
C GLN D 81 -31.04 8.30 -1.36
N GLN D 82 -31.64 7.97 -0.21
CA GLN D 82 -32.54 8.91 0.45
C GLN D 82 -31.78 10.09 1.04
N ALA D 83 -30.57 9.83 1.56
CA ALA D 83 -29.76 10.94 2.06
C ALA D 83 -29.45 11.94 0.96
N PHE D 84 -29.09 11.45 -0.23
CA PHE D 84 -28.80 12.33 -1.35
C PHE D 84 -29.99 13.22 -1.68
N ALA D 85 -31.19 12.65 -1.68
CA ALA D 85 -32.39 13.40 -2.00
C ALA D 85 -32.65 14.54 -1.01
N ARG D 86 -32.06 14.49 0.18
CA ARG D 86 -32.19 15.60 1.12
C ARG D 86 -31.34 16.80 0.75
N ILE D 87 -30.26 16.59 -0.01
CA ILE D 87 -29.32 17.67 -0.30
C ILE D 87 -29.27 18.03 -1.78
N ALA D 88 -29.93 17.28 -2.66
CA ALA D 88 -29.77 17.50 -4.09
C ALA D 88 -30.92 16.85 -4.82
N ASP D 89 -31.11 17.26 -6.07
CA ASP D 89 -32.07 16.63 -6.95
C ASP D 89 -31.50 15.30 -7.43
N PRO D 90 -32.13 14.17 -7.17
CA PRO D 90 -31.56 12.88 -7.60
C PRO D 90 -31.36 12.78 -9.09
N VAL D 91 -32.17 13.48 -9.90
CA VAL D 91 -32.01 13.45 -11.33
C VAL D 91 -30.65 14.00 -11.76
N ALA D 92 -30.08 14.89 -10.95
CA ALA D 92 -28.78 15.48 -11.30
C ALA D 92 -27.66 14.45 -11.22
N GLY D 93 -27.83 13.42 -10.40
CA GLY D 93 -26.86 12.32 -10.28
C GLY D 93 -25.54 12.60 -9.58
N ARG D 94 -24.90 13.72 -9.90
CA ARG D 94 -23.62 14.11 -9.34
C ARG D 94 -23.66 15.61 -9.17
N VAL D 95 -23.37 16.09 -7.97
CA VAL D 95 -23.54 17.51 -7.63
C VAL D 95 -22.36 17.99 -6.82
N PRO D 96 -22.09 19.29 -6.84
CA PRO D 96 -21.07 19.85 -5.94
C PRO D 96 -21.55 19.79 -4.50
N ILE D 97 -20.62 19.44 -3.60
CA ILE D 97 -20.90 19.43 -2.17
C ILE D 97 -19.76 20.10 -1.41
N THR D 98 -20.08 20.56 -0.20
CA THR D 98 -19.08 20.89 0.80
C THR D 98 -19.46 20.16 2.07
N TRP D 99 -18.45 19.85 2.89
CA TRP D 99 -18.74 19.09 4.10
C TRP D 99 -17.67 19.33 5.15
N THR D 100 -18.04 19.05 6.40
CA THR D 100 -17.13 19.19 7.54
CA THR D 100 -17.11 19.16 7.52
C THR D 100 -17.38 18.04 8.50
N LEU D 101 -16.35 17.67 9.25
CA LEU D 101 -16.48 16.68 10.31
C LEU D 101 -17.14 17.34 11.51
N VAL D 102 -18.17 16.71 12.05
CA VAL D 102 -18.92 17.28 13.16
C VAL D 102 -18.89 16.33 14.35
N SER D 103 -19.19 16.88 15.52
CA SER D 103 -19.23 16.17 16.80
C SER D 103 -20.66 16.32 17.31
N PRO D 104 -21.55 15.42 16.90
CA PRO D 104 -22.99 15.68 17.12
C PRO D 104 -23.52 15.16 18.44
N ASP D 105 -24.80 15.42 18.69
CA ASP D 105 -25.46 14.77 19.81
C ASP D 105 -25.57 13.28 19.52
N LEU D 106 -25.27 12.47 20.53
CA LEU D 106 -25.31 11.01 20.43
C LEU D 106 -25.42 10.48 21.85
N ALA D 107 -26.41 9.64 22.11
CA ALA D 107 -26.66 9.19 23.48
C ALA D 107 -25.95 7.88 23.79
N GLY D 108 -25.62 7.69 25.05
CA GLY D 108 -25.01 6.48 25.53
C GLY D 108 -23.50 6.47 25.38
N PRO D 109 -22.86 5.47 25.97
CA PRO D 109 -21.40 5.34 25.90
C PRO D 109 -20.97 4.65 24.61
N VAL D 110 -19.65 4.64 24.38
CA VAL D 110 -19.13 3.78 23.34
C VAL D 110 -19.41 2.33 23.71
N SER D 111 -19.40 1.45 22.70
CA SER D 111 -19.50 0.03 22.92
CA SER D 111 -19.54 0.01 22.87
C SER D 111 -18.41 -0.69 22.14
N TYR D 112 -18.19 -1.96 22.48
CA TYR D 112 -17.16 -2.78 21.89
C TYR D 112 -17.76 -4.09 21.39
N ARG D 113 -17.28 -4.57 20.25
CA ARG D 113 -17.76 -5.81 19.67
C ARG D 113 -16.57 -6.67 19.29
N TYR D 114 -16.44 -7.83 19.92
CA TYR D 114 -15.43 -8.79 19.50
C TYR D 114 -15.84 -9.45 18.18
N LYS D 115 -14.87 -9.60 17.28
CA LYS D 115 -15.13 -10.21 15.98
C LYS D 115 -15.42 -11.71 16.13
N GLU D 116 -16.23 -12.23 15.22
CA GLU D 116 -16.50 -13.65 15.12
C GLU D 116 -15.19 -14.43 15.26
N GLY D 117 -15.22 -15.49 16.07
CA GLY D 117 -14.06 -16.33 16.24
C GLY D 117 -13.01 -15.82 17.20
N SER D 118 -13.25 -14.69 17.87
CA SER D 118 -12.27 -14.16 18.83
C SER D 118 -12.15 -15.09 20.04
N THR D 119 -10.91 -15.31 20.48
CA THR D 119 -10.60 -16.07 21.68
C THR D 119 -9.38 -15.43 22.31
N GLN D 120 -8.82 -16.09 23.33
CA GLN D 120 -7.56 -15.61 23.87
C GLN D 120 -6.39 -15.88 22.95
N TRP D 121 -6.60 -16.63 21.87
CA TRP D 121 -5.54 -16.97 20.92
C TRP D 121 -5.45 -15.96 19.78
N TRP D 122 -6.54 -15.25 19.48
CA TRP D 122 -6.63 -14.30 18.39
C TRP D 122 -7.93 -13.54 18.58
N CYS D 123 -7.92 -12.22 18.35
CA CYS D 123 -9.17 -11.49 18.48
C CYS D 123 -9.13 -10.23 17.63
N GLY D 124 -10.31 -9.70 17.36
CA GLY D 124 -10.44 -8.35 16.82
C GLY D 124 -11.56 -7.66 17.56
N ILE D 125 -11.42 -6.33 17.70
CA ILE D 125 -12.39 -5.52 18.43
C ILE D 125 -12.82 -4.37 17.53
N GLN D 126 -14.13 -4.14 17.43
CA GLN D 126 -14.68 -2.98 16.75
C GLN D 126 -15.32 -2.07 17.77
N VAL D 127 -15.10 -0.77 17.62
CA VAL D 127 -15.75 0.22 18.49
C VAL D 127 -17.04 0.68 17.82
N ARG D 128 -18.10 0.80 18.62
CA ARG D 128 -19.38 1.28 18.12
C ARG D 128 -19.86 2.43 18.98
N ASN D 129 -20.81 3.18 18.43
CA ASN D 129 -21.44 4.31 19.12
C ASN D 129 -20.42 5.33 19.63
N HIS D 130 -19.45 5.70 18.81
CA HIS D 130 -18.48 6.71 19.18
C HIS D 130 -18.84 8.06 18.55
N ARG D 131 -18.83 9.10 19.39
CA ARG D 131 -19.30 10.41 18.93
C ARG D 131 -18.32 11.03 17.94
N ASN D 132 -17.03 10.82 18.16
CA ASN D 132 -15.97 11.35 17.32
C ASN D 132 -15.19 10.18 16.74
N PRO D 133 -14.50 10.37 15.62
CA PRO D 133 -13.73 9.25 15.04
C PRO D 133 -12.68 8.74 16.02
N VAL D 134 -12.46 7.44 15.99
CA VAL D 134 -11.47 6.78 16.85
C VAL D 134 -10.13 6.82 16.14
N ALA D 135 -9.08 7.18 16.89
CA ALA D 135 -7.72 7.15 16.37
C ALA D 135 -7.02 5.82 16.66
N THR D 136 -7.04 5.36 17.91
CA THR D 136 -6.30 4.17 18.33
C THR D 136 -7.11 3.35 19.33
N LEU D 137 -6.75 2.08 19.40
CA LEU D 137 -7.27 1.18 20.41
C LEU D 137 -6.10 0.37 20.96
N GLU D 138 -6.08 0.20 22.28
CA GLU D 138 -5.07 -0.59 22.96
C GLU D 138 -5.76 -1.56 23.91
N VAL D 139 -5.04 -2.65 24.20
CA VAL D 139 -5.45 -3.62 25.20
C VAL D 139 -4.35 -3.74 26.24
N ARG D 140 -4.73 -3.98 27.50
CA ARG D 140 -3.75 -4.02 28.57
C ARG D 140 -3.03 -5.37 28.58
N THR D 141 -1.71 -5.32 28.67
CA THR D 141 -0.87 -6.50 28.78
C THR D 141 -0.07 -6.35 30.07
N GLY D 142 -0.65 -6.76 31.19
CA GLY D 142 0.02 -6.62 32.47
C GLY D 142 0.20 -5.18 32.91
N THR D 143 1.43 -4.74 33.09
CA THR D 143 1.71 -3.38 33.53
C THR D 143 1.79 -2.40 32.38
N THR D 144 1.67 -2.87 31.13
CA THR D 144 1.77 -2.02 29.95
C THR D 144 0.53 -2.22 29.08
N TRP D 145 0.48 -1.48 27.97
CA TRP D 145 -0.60 -1.54 27.02
C TRP D 145 -0.04 -1.78 25.63
N ARG D 146 -0.83 -2.41 24.78
CA ARG D 146 -0.42 -2.76 23.43
C ARG D 146 -1.41 -2.20 22.42
N GLN D 147 -0.91 -1.41 21.47
CA GLN D 147 -1.77 -0.94 20.41
CA GLN D 147 -1.73 -0.93 20.36
C GLN D 147 -2.14 -2.11 19.48
N LEU D 148 -3.43 -2.16 19.11
CA LEU D 148 -3.89 -3.12 18.12
C LEU D 148 -4.10 -2.40 16.80
N PRO D 149 -3.49 -2.87 15.72
CA PRO D 149 -3.61 -2.17 14.44
C PRO D 149 -5.02 -2.27 13.87
N ARG D 150 -5.54 -1.12 13.42
CA ARG D 150 -6.82 -1.10 12.73
C ARG D 150 -6.67 -1.63 11.32
N GLN D 151 -7.58 -2.50 10.93
CA GLN D 151 -7.63 -3.00 9.56
C GLN D 151 -8.65 -2.19 8.77
N GLU D 152 -8.55 -2.27 7.45
CA GLU D 152 -9.46 -1.47 6.62
C GLU D 152 -10.91 -1.86 6.86
N TYR D 153 -11.17 -3.08 7.36
CA TYR D 153 -12.51 -3.54 7.67
C TYR D 153 -12.93 -3.18 9.09
N ASN D 154 -12.19 -2.28 9.74
CA ASN D 154 -12.70 -1.55 10.91
C ASN D 154 -12.80 -2.43 12.16
N TYR D 155 -11.91 -3.40 12.28
CA TYR D 155 -11.61 -4.07 13.53
C TYR D 155 -10.14 -3.83 13.85
N PHE D 156 -9.84 -3.66 15.13
CA PHE D 156 -8.47 -3.59 15.64
C PHE D 156 -8.08 -4.99 16.08
N VAL D 157 -7.00 -5.54 15.50
CA VAL D 157 -6.75 -6.97 15.57
C VAL D 157 -5.51 -7.26 16.44
N SER D 158 -5.64 -8.26 17.32
CA SER D 158 -4.51 -8.81 18.06
C SER D 158 -4.18 -10.17 17.45
N ALA D 159 -3.18 -10.19 16.57
CA ALA D 159 -2.93 -11.39 15.78
C ALA D 159 -2.43 -12.57 16.61
N ASP D 160 -1.81 -12.32 17.76
CA ASP D 160 -1.32 -13.40 18.62
C ASP D 160 -2.15 -13.59 19.88
N GLY D 161 -3.26 -12.87 20.02
CA GLY D 161 -4.13 -13.01 21.16
C GLY D 161 -3.77 -12.18 22.38
N ALA D 162 -2.62 -11.52 22.37
CA ALA D 162 -2.21 -10.73 23.53
C ALA D 162 -3.24 -9.65 23.84
N GLY D 163 -3.62 -9.57 25.11
CA GLY D 163 -4.58 -8.59 25.56
C GLY D 163 -6.03 -8.90 25.26
N CYS D 164 -6.32 -9.96 24.50
CA CYS D 164 -7.70 -10.30 24.22
C CYS D 164 -8.40 -10.66 25.53
N GLY D 165 -9.57 -10.05 25.76
CA GLY D 165 -10.29 -10.23 27.00
C GLY D 165 -9.83 -9.37 28.15
N SER D 166 -8.86 -8.48 27.93
CA SER D 166 -8.31 -7.63 28.97
C SER D 166 -8.99 -6.28 28.96
N ASP D 167 -8.44 -5.33 29.72
CA ASP D 167 -8.90 -3.94 29.66
C ASP D 167 -8.62 -3.37 28.27
N ILE D 168 -9.50 -2.47 27.83
CA ILE D 168 -9.43 -1.83 26.52
C ILE D 168 -9.40 -0.34 26.74
N ARG D 169 -8.66 0.39 25.89
CA ARG D 169 -8.81 1.83 25.92
C ARG D 169 -8.73 2.38 24.50
N VAL D 170 -9.56 3.38 24.23
CA VAL D 170 -9.68 3.98 22.91
C VAL D 170 -9.40 5.47 23.01
N LYS D 171 -8.76 6.01 21.98
CA LYS D 171 -8.40 7.41 21.93
C LYS D 171 -9.00 7.97 20.66
N ASP D 172 -9.77 9.07 20.77
CA ASP D 172 -10.36 9.67 19.58
C ASP D 172 -9.38 10.63 18.91
N ILE D 173 -9.82 11.21 17.80
CA ILE D 173 -8.95 12.08 17.02
C ILE D 173 -8.62 13.38 17.74
N HIS D 174 -9.36 13.72 18.80
CA HIS D 174 -9.09 14.90 19.58
C HIS D 174 -8.09 14.65 20.69
N GLY D 175 -7.66 13.41 20.87
CA GLY D 175 -6.67 13.08 21.86
C GLY D 175 -7.21 12.61 23.18
N GLN D 176 -8.52 12.37 23.28
CA GLN D 176 -9.12 11.96 24.55
C GLN D 176 -9.14 10.44 24.63
N THR D 177 -8.74 9.90 25.78
CA THR D 177 -8.67 8.46 25.99
C THR D 177 -9.75 8.01 26.98
N LEU D 178 -10.50 6.98 26.59
CA LEU D 178 -11.48 6.34 27.47
C LEU D 178 -10.98 4.93 27.77
N THR D 179 -10.99 4.56 29.04
CA THR D 179 -10.50 3.25 29.49
C THR D 179 -11.66 2.42 30.00
N ASP D 180 -11.74 1.17 29.56
CA ASP D 180 -12.87 0.30 29.87
C ASP D 180 -12.42 -1.04 30.42
N THR D 181 -12.96 -1.43 31.56
CA THR D 181 -12.73 -2.73 32.15
C THR D 181 -14.02 -3.55 32.06
N GLY D 182 -13.88 -4.86 32.24
CA GLY D 182 -15.06 -5.71 32.29
C GLY D 182 -15.76 -5.97 30.98
N ILE D 183 -15.12 -5.68 29.84
CA ILE D 183 -15.64 -6.12 28.55
C ILE D 183 -15.28 -7.60 28.39
N ALA D 184 -16.30 -8.44 28.22
CA ALA D 184 -16.09 -9.87 28.13
C ALA D 184 -15.62 -10.25 26.73
N LEU D 185 -14.90 -11.38 26.65
CA LEU D 185 -14.40 -11.89 25.37
C LEU D 185 -15.51 -12.73 24.73
N THR D 186 -16.51 -12.02 24.23
CA THR D 186 -17.74 -12.64 23.74
C THR D 186 -17.98 -12.15 22.31
N PRO D 187 -17.72 -12.97 21.30
CA PRO D 187 -17.90 -12.50 19.92
C PRO D 187 -19.37 -12.15 19.62
N ASN D 188 -19.54 -11.18 18.73
CA ASN D 188 -20.82 -10.89 18.07
C ASN D 188 -21.83 -10.20 18.96
N VAL D 189 -21.39 -9.58 20.07
CA VAL D 189 -22.28 -8.87 20.98
C VAL D 189 -21.71 -7.47 21.20
N ASP D 190 -22.57 -6.46 21.13
CA ASP D 190 -22.13 -5.10 21.42
C ASP D 190 -22.19 -4.87 22.92
N GLN D 191 -21.05 -4.55 23.53
CA GLN D 191 -20.99 -4.38 24.97
C GLN D 191 -20.69 -2.93 25.31
N PRO D 192 -21.55 -2.25 26.05
CA PRO D 192 -21.29 -0.83 26.36
C PRO D 192 -20.12 -0.68 27.32
N GLY D 193 -19.30 0.34 27.05
CA GLY D 193 -18.36 0.86 28.01
C GLY D 193 -19.06 1.79 28.99
N ARG D 194 -18.25 2.60 29.67
CA ARG D 194 -18.77 3.47 30.72
C ARG D 194 -18.73 4.95 30.37
N ALA D 195 -18.22 5.31 29.19
CA ALA D 195 -18.09 6.72 28.86
C ALA D 195 -18.26 6.95 27.37
N GLN D 196 -18.60 8.18 27.01
CA GLN D 196 -18.63 8.68 25.65
C GLN D 196 -17.54 9.73 25.49
N PHE D 197 -17.07 9.91 24.25
CA PHE D 197 -16.16 11.03 23.98
C PHE D 197 -16.89 12.36 24.13
N THR D 198 -16.15 13.38 24.57
CA THR D 198 -16.70 14.71 24.77
C THR D 198 -17.24 15.28 23.46
N LYS D 199 -18.38 15.96 23.55
CA LYS D 199 -18.92 16.69 22.42
C LYS D 199 -18.09 17.94 22.19
N ARG D 200 -17.52 18.06 20.99
CA ARG D 200 -16.59 19.15 20.70
C ARG D 200 -17.30 20.32 20.03
C1 BTB E . -19.01 -8.72 3.73
O1 BTB E . -19.00 -8.83 5.13
C2 BTB E . -19.06 -7.24 3.31
C3 BTB E . -20.45 -6.70 3.72
O3 BTB E . -21.52 -7.25 2.99
C4 BTB E . -18.05 -6.42 4.11
O4 BTB E . -16.74 -6.62 3.62
N BTB E . -18.86 -7.03 1.87
C5 BTB E . -18.98 -5.65 1.43
C6 BTB E . -18.12 -5.29 0.22
O6 BTB E . -16.80 -5.76 0.44
C7 BTB E . -19.42 -8.00 0.94
C8 BTB E . -18.45 -8.73 0.02
O8 BTB E . -17.48 -9.41 0.78
C1 EDO F . -27.70 -14.10 -5.59
O1 EDO F . -27.93 -14.48 -4.25
C2 EDO F . -26.27 -14.38 -5.98
O2 EDO F . -25.89 -15.68 -5.56
C1 BTB G . 20.69 -4.17 0.67
O1 BTB G . 20.80 -5.10 -0.38
C2 BTB G . 20.30 -2.78 0.14
C3 BTB G . 21.50 -2.21 -0.66
O3 BTB G . 22.64 -1.97 0.13
C4 BTB G . 19.16 -2.91 -0.89
O4 BTB G . 17.93 -3.13 -0.22
N BTB G . 19.92 -1.81 1.18
C5 BTB G . 19.69 -0.46 0.71
C6 BTB G . 18.67 0.29 1.54
O6 BTB G . 17.49 -0.51 1.65
C7 BTB G . 20.63 -1.88 2.46
C8 BTB G . 19.81 -2.14 3.72
O8 BTB G . 19.01 -3.30 3.58
C1 EDO H . 1.31 7.76 13.02
O1 EDO H . 1.83 6.92 14.03
C2 EDO H . 0.86 6.96 11.82
O2 EDO H . 1.83 6.00 11.50
C1 BTB I . 18.45 10.29 1.42
O1 BTB I . 18.13 11.13 2.50
C2 BTB I . 18.40 8.81 1.86
C3 BTB I . 19.60 8.55 2.79
O3 BTB I . 20.84 8.68 2.14
C4 BTB I . 17.18 8.54 2.74
O4 BTB I . 16.01 8.49 1.96
N BTB I . 18.44 7.88 0.73
C5 BTB I . 18.58 6.48 1.08
C6 BTB I . 17.83 5.55 0.16
O6 BTB I . 16.50 6.05 0.03
C7 BTB I . 19.21 8.27 -0.44
C8 BTB I . 18.49 8.30 -1.78
O8 BTB I . 17.35 9.14 -1.71
C1 EDO J . 20.84 -1.72 -15.10
O1 EDO J . 21.52 -2.82 -15.66
C2 EDO J . 19.45 -1.67 -15.68
O2 EDO J . 19.52 -1.58 -17.08
C1 BTB K . -20.33 2.39 -5.96
O1 BTB K . -20.14 2.43 -7.36
C2 BTB K . -19.94 1.01 -5.40
C3 BTB K . -21.00 -0.01 -5.87
O3 BTB K . -22.28 0.21 -5.32
C4 BTB K . -18.63 0.54 -6.04
O4 BTB K . -17.52 1.23 -5.49
N BTB K . -19.84 0.97 -3.94
C5 BTB K . -19.66 -0.36 -3.37
C6 BTB K . -18.79 -0.37 -2.14
O6 BTB K . -17.65 0.43 -2.38
C7 BTB K . -20.74 1.81 -3.17
C8 BTB K . -20.13 2.83 -2.21
O8 BTB K . -19.33 3.76 -2.91
C1 EDO L . -19.83 3.64 14.91
O1 EDO L . -19.99 4.45 16.04
C2 EDO L . -21.14 2.94 14.63
O2 EDO L . -21.54 2.24 15.78
C1 EDO M . -24.49 3.58 16.83
O1 EDO M . -24.60 4.95 17.17
C2 EDO M . -25.80 2.88 17.09
O2 EDO M . -26.10 2.95 18.47
#